data_8IDV
#
_entry.id   8IDV
#
_cell.length_a   120.600
_cell.length_b   120.600
_cell.length_c   165.400
_cell.angle_alpha   90.00
_cell.angle_beta   90.00
_cell.angle_gamma   120.00
#
_symmetry.space_group_name_H-M   'P 31 2 1'
#
loop_
_entity.id
_entity.type
_entity.pdbx_description
1 polymer 'Cell filamentation protein Fic'
2 non-polymer '2-(N-MORPHOLINO)-ETHANESULFONIC ACID'
3 non-polymer DI(HYDROXYETHYL)ETHER
#
_entity_poly.entity_id   1
_entity_poly.type   'polypeptide(L)'
_entity_poly.pdbx_seq_one_letter_code
;MKANFLEEEFEINLSVKHLLELWDKNLLNTFEIGTFKGLSQIHSYMFKDIFDFNGQIRNVNISKNNSMFCLARYLKQNLE
IIDNMKHDTFDQIIDKYVEMNICHPFREGNGRSMRIWLDLILKKQLNVVVNWTNINKDEYLLAMINSLIDSTNLKLLIKN
NLTNKITDRNVYIKSIIKSYEYEGFKINIK
;
_entity_poly.pdbx_strand_id   B,C,D,A
#
loop_
_chem_comp.id
_chem_comp.type
_chem_comp.name
_chem_comp.formula
MES non-polymer '2-(N-MORPHOLINO)-ETHANESULFONIC ACID' 'C6 H13 N O4 S'
PEG non-polymer DI(HYDROXYETHYL)ETHER 'C4 H10 O3'
#
# COMPACT_ATOMS: atom_id res chain seq x y z
N ASN A 4 -22.22 0.51 14.10
CA ASN A 4 -20.87 0.40 14.70
C ASN A 4 -19.87 0.96 13.67
N PHE A 5 -18.68 0.36 13.57
CA PHE A 5 -17.65 0.87 12.63
C PHE A 5 -17.78 0.15 11.31
N LEU A 6 -18.54 0.72 10.38
CA LEU A 6 -18.66 0.14 9.02
C LEU A 6 -17.72 0.91 8.10
N GLU A 7 -16.67 0.25 7.59
CA GLU A 7 -15.75 0.91 6.65
C GLU A 7 -16.42 0.95 5.27
N GLU A 8 -16.62 2.15 4.73
CA GLU A 8 -17.20 2.27 3.37
C GLU A 8 -16.06 2.29 2.36
N GLU A 9 -15.29 1.20 2.30
CA GLU A 9 -14.23 1.09 1.27
C GLU A 9 -14.93 1.29 -0.07
N PHE A 10 -16.25 1.14 -0.06
CA PHE A 10 -17.03 1.34 -1.31
C PHE A 10 -16.59 2.60 -2.04
N GLU A 11 -16.50 3.71 -1.30
CA GLU A 11 -16.22 5.06 -1.85
C GLU A 11 -14.94 4.97 -2.68
N ILE A 12 -13.85 4.46 -2.09
CA ILE A 12 -12.54 4.31 -2.79
C ILE A 12 -12.75 3.43 -4.02
N ASN A 13 -13.16 2.18 -3.80
CA ASN A 13 -13.37 1.17 -4.87
C ASN A 13 -14.27 1.75 -5.96
N LEU A 14 -15.27 2.54 -5.59
CA LEU A 14 -16.20 3.14 -6.58
C LEU A 14 -15.45 4.12 -7.51
N SER A 15 -14.71 5.06 -6.92
CA SER A 15 -13.96 6.12 -7.65
C SER A 15 -13.06 5.45 -8.68
N VAL A 16 -12.55 4.27 -8.32
CA VAL A 16 -11.60 3.52 -9.19
C VAL A 16 -12.41 3.04 -10.41
N LYS A 17 -13.64 2.57 -10.19
CA LYS A 17 -14.47 2.05 -11.31
C LYS A 17 -14.93 3.22 -12.18
N HIS A 18 -15.12 4.41 -11.61
CA HIS A 18 -15.39 5.66 -12.37
C HIS A 18 -14.19 5.94 -13.29
N LEU A 19 -12.97 5.81 -12.75
CA LEU A 19 -11.72 5.96 -13.53
C LEU A 19 -11.66 4.89 -14.62
N LEU A 20 -11.87 3.62 -14.29
CA LEU A 20 -11.84 2.53 -15.30
C LEU A 20 -12.89 2.80 -16.37
N GLU A 21 -14.04 3.36 -15.99
CA GLU A 21 -15.16 3.65 -16.94
C GLU A 21 -14.62 4.59 -18.02
N LEU A 22 -14.11 5.76 -17.60
CA LEU A 22 -13.53 6.80 -18.49
C LEU A 22 -12.75 6.16 -19.64
N TRP A 23 -11.92 5.16 -19.35
CA TRP A 23 -11.05 4.48 -20.34
C TRP A 23 -11.87 3.64 -21.32
N ASP A 24 -12.85 2.90 -20.77
CA ASP A 24 -13.65 1.86 -21.44
C ASP A 24 -14.64 2.53 -22.40
N LYS A 25 -15.35 3.56 -21.93
CA LYS A 25 -16.32 4.37 -22.71
C LYS A 25 -15.57 5.54 -23.38
N ASN A 26 -14.33 5.32 -23.85
CA ASN A 26 -13.51 6.27 -24.64
C ASN A 26 -13.79 7.71 -24.23
N LEU A 27 -13.75 8.01 -22.93
CA LEU A 27 -14.32 9.26 -22.37
C LEU A 27 -13.23 10.24 -21.99
N LEU A 28 -12.05 9.76 -21.63
CA LEU A 28 -10.89 10.62 -21.26
C LEU A 28 -10.25 11.10 -22.55
N ASN A 29 -10.49 10.40 -23.66
CA ASN A 29 -10.03 10.83 -25.00
C ASN A 29 -10.90 12.00 -25.47
N THR A 30 -12.01 12.31 -24.80
CA THR A 30 -12.96 13.37 -25.21
C THR A 30 -12.87 14.56 -24.26
N PHE A 31 -12.03 14.48 -23.25
CA PHE A 31 -11.85 15.57 -22.27
C PHE A 31 -10.87 16.59 -22.83
N GLU A 32 -11.19 17.86 -22.60
CA GLU A 32 -10.28 19.01 -22.79
C GLU A 32 -8.88 18.72 -22.21
N ILE A 33 -7.85 19.14 -22.93
CA ILE A 33 -6.44 18.86 -22.57
C ILE A 33 -5.78 20.01 -21.82
N GLY A 34 -5.08 19.69 -20.72
CA GLY A 34 -4.26 20.65 -19.97
C GLY A 34 -4.99 21.85 -19.43
N THR A 35 -6.28 22.00 -19.68
CA THR A 35 -7.05 23.17 -19.19
C THR A 35 -7.70 22.62 -17.92
N PHE A 36 -8.15 23.51 -17.03
CA PHE A 36 -8.74 23.19 -15.69
C PHE A 36 -10.21 22.78 -15.87
N LYS A 37 -10.78 22.93 -17.07
CA LYS A 37 -12.08 22.27 -17.40
C LYS A 37 -11.79 20.77 -17.51
N GLY A 38 -10.71 20.41 -18.23
CA GLY A 38 -10.30 19.02 -18.48
C GLY A 38 -10.07 18.25 -17.20
N LEU A 39 -9.41 18.88 -16.23
CA LEU A 39 -9.10 18.30 -14.91
C LEU A 39 -10.41 18.24 -14.11
N SER A 40 -11.28 19.25 -14.25
CA SER A 40 -12.63 19.25 -13.64
C SER A 40 -13.42 18.04 -14.14
N GLN A 41 -13.52 17.86 -15.46
CA GLN A 41 -14.33 16.79 -16.12
C GLN A 41 -13.89 15.41 -15.71
N ILE A 42 -12.65 15.28 -15.23
CA ILE A 42 -12.05 14.03 -14.69
C ILE A 42 -12.53 13.92 -13.24
N HIS A 43 -12.19 14.89 -12.41
CA HIS A 43 -12.45 14.90 -10.95
C HIS A 43 -13.96 14.94 -10.71
N SER A 44 -14.72 15.34 -11.73
CA SER A 44 -16.20 15.26 -11.82
C SER A 44 -16.64 13.79 -11.83
N TYR A 45 -16.48 13.16 -13.00
CA TYR A 45 -16.91 11.76 -13.26
C TYR A 45 -16.35 10.86 -12.15
N MET A 46 -15.20 11.22 -11.62
CA MET A 46 -14.39 10.32 -10.76
C MET A 46 -15.03 10.20 -9.37
N PHE A 47 -15.61 11.29 -8.86
CA PHE A 47 -16.23 11.35 -7.51
C PHE A 47 -17.76 11.40 -7.66
N LYS A 48 -18.28 10.96 -8.81
CA LYS A 48 -19.72 11.00 -9.14
C LYS A 48 -20.50 11.02 -7.84
N ASP A 49 -21.03 9.88 -7.38
CA ASP A 49 -22.04 9.89 -6.30
C ASP A 49 -21.36 10.18 -4.97
N ILE A 50 -20.03 10.08 -4.93
CA ILE A 50 -19.28 9.97 -3.66
C ILE A 50 -19.28 11.28 -2.86
N PHE A 51 -18.74 12.34 -3.44
CA PHE A 51 -18.83 13.74 -2.97
C PHE A 51 -19.76 14.51 -3.89
N ASP A 52 -20.19 15.72 -3.50
CA ASP A 52 -20.95 16.64 -4.37
C ASP A 52 -20.20 17.97 -4.50
N PHE A 53 -18.87 17.92 -4.65
CA PHE A 53 -18.05 19.00 -5.26
C PHE A 53 -17.25 18.34 -6.41
N ASN A 54 -17.98 17.88 -7.42
CA ASN A 54 -17.45 17.13 -8.60
C ASN A 54 -17.23 18.12 -9.76
N GLY A 55 -15.96 18.44 -10.07
CA GLY A 55 -15.56 19.49 -11.02
C GLY A 55 -15.56 20.85 -10.36
N GLN A 56 -16.33 21.00 -9.26
CA GLN A 56 -16.56 22.25 -8.50
C GLN A 56 -15.24 22.65 -7.83
N ILE A 57 -14.93 23.95 -7.81
CA ILE A 57 -13.71 24.49 -7.16
C ILE A 57 -14.05 24.82 -5.70
N ARG A 58 -13.11 24.62 -4.77
CA ARG A 58 -13.29 25.00 -3.36
C ARG A 58 -13.80 26.45 -3.32
N ASN A 59 -15.01 26.64 -2.80
CA ASN A 59 -15.49 27.99 -2.44
C ASN A 59 -16.18 28.63 -3.66
N VAL A 60 -17.04 27.87 -4.32
CA VAL A 60 -17.83 28.34 -5.50
C VAL A 60 -19.31 28.13 -5.18
N ASN A 61 -19.62 27.17 -4.29
CA ASN A 61 -20.96 26.90 -3.71
C ASN A 61 -21.19 27.82 -2.51
N ILE A 62 -20.13 28.12 -1.73
CA ILE A 62 -20.14 29.12 -0.63
C ILE A 62 -19.71 30.49 -1.20
N SER A 63 -20.26 30.90 -2.35
CA SER A 63 -20.08 32.25 -2.96
C SER A 63 -21.37 32.64 -3.65
N LYS A 64 -22.46 31.96 -3.28
CA LYS A 64 -23.77 31.98 -3.98
C LYS A 64 -24.73 32.77 -3.09
N ASN A 65 -25.07 32.20 -1.93
CA ASN A 65 -25.74 32.93 -0.81
C ASN A 65 -24.65 33.65 -0.03
N ASN A 66 -23.84 32.91 0.73
CA ASN A 66 -22.68 33.49 1.43
C ASN A 66 -21.58 33.65 0.38
N SER A 67 -21.41 34.87 -0.13
CA SER A 67 -20.41 35.25 -1.15
C SER A 67 -19.40 36.26 -0.60
N MET A 68 -19.69 36.85 0.58
CA MET A 68 -18.83 37.86 1.26
C MET A 68 -17.49 37.16 1.55
N PHE A 69 -17.07 36.29 0.62
CA PHE A 69 -15.74 35.65 0.51
C PHE A 69 -14.86 36.60 -0.33
N CYS A 70 -14.82 37.88 0.05
CA CYS A 70 -13.95 38.94 -0.54
C CYS A 70 -12.86 38.29 -1.43
N LEU A 71 -12.15 37.25 -0.93
CA LEU A 71 -11.14 36.42 -1.69
C LEU A 71 -11.59 34.95 -1.83
N ALA A 72 -12.56 34.74 -2.71
CA ALA A 72 -12.95 33.44 -3.29
C ALA A 72 -12.51 33.41 -4.75
N ARG A 73 -12.02 34.56 -5.25
CA ARG A 73 -11.58 34.73 -6.65
C ARG A 73 -10.06 34.55 -6.72
N TYR A 74 -9.36 34.36 -5.59
CA TYR A 74 -7.92 33.97 -5.57
C TYR A 74 -7.72 32.68 -6.37
N LEU A 75 -8.63 31.72 -6.20
CA LEU A 75 -8.54 30.36 -6.81
C LEU A 75 -8.84 30.42 -8.31
N LYS A 76 -9.87 31.17 -8.70
CA LYS A 76 -10.20 31.43 -10.12
C LYS A 76 -8.99 32.13 -10.75
N GLN A 77 -8.31 33.01 -10.01
CA GLN A 77 -7.17 33.85 -10.47
C GLN A 77 -6.03 32.94 -10.94
N ASN A 78 -5.61 32.01 -10.07
CA ASN A 78 -4.40 31.16 -10.24
C ASN A 78 -4.65 30.02 -11.23
N LEU A 79 -5.91 29.77 -11.58
CA LEU A 79 -6.30 28.74 -12.57
C LEU A 79 -6.36 29.41 -13.94
N GLU A 80 -6.75 30.69 -13.96
CA GLU A 80 -6.61 31.56 -15.17
C GLU A 80 -5.13 31.52 -15.58
N ILE A 81 -4.21 31.61 -14.61
CA ILE A 81 -2.73 31.56 -14.84
C ILE A 81 -2.35 30.22 -15.46
N ILE A 82 -2.68 29.14 -14.75
CA ILE A 82 -2.14 27.78 -15.03
C ILE A 82 -2.70 27.31 -16.36
N ASP A 83 -3.99 27.53 -16.61
CA ASP A 83 -4.57 27.37 -17.96
C ASP A 83 -3.68 28.08 -18.98
N ASN A 84 -3.24 29.30 -18.69
CA ASN A 84 -2.55 30.19 -19.68
C ASN A 84 -1.08 29.80 -19.84
N MET A 85 -0.58 28.88 -18.99
CA MET A 85 0.75 28.25 -19.16
C MET A 85 0.72 27.44 -20.45
N LYS A 86 1.87 27.21 -21.10
CA LYS A 86 1.89 26.38 -22.34
C LYS A 86 2.05 24.93 -21.88
N HIS A 87 1.78 24.00 -22.80
CA HIS A 87 1.78 22.54 -22.54
C HIS A 87 2.09 21.80 -23.85
N ASP A 88 3.14 22.23 -24.58
CA ASP A 88 3.64 21.58 -25.83
C ASP A 88 4.87 20.73 -25.53
N THR A 89 5.80 21.22 -24.70
CA THR A 89 7.06 20.53 -24.32
C THR A 89 6.91 19.81 -22.98
N PHE A 90 7.74 18.80 -22.76
CA PHE A 90 7.85 18.05 -21.50
C PHE A 90 8.12 19.02 -20.35
N ASP A 91 9.14 19.88 -20.45
CA ASP A 91 9.34 20.99 -19.50
C ASP A 91 7.97 21.61 -19.12
N GLN A 92 7.20 22.00 -20.14
CA GLN A 92 6.04 22.91 -20.01
C GLN A 92 4.94 22.20 -19.24
N ILE A 93 4.80 20.91 -19.47
CA ILE A 93 3.73 20.04 -18.90
C ILE A 93 4.04 19.73 -17.43
N ILE A 94 5.29 19.43 -17.09
CA ILE A 94 5.68 19.11 -15.69
C ILE A 94 5.68 20.39 -14.88
N ASP A 95 5.83 21.54 -15.52
CA ASP A 95 5.63 22.83 -14.82
C ASP A 95 4.13 23.06 -14.59
N LYS A 96 3.30 22.91 -15.62
CA LYS A 96 1.82 22.95 -15.48
C LYS A 96 1.39 22.00 -14.35
N TYR A 97 1.74 20.72 -14.44
CA TYR A 97 1.39 19.70 -13.43
C TYR A 97 1.83 20.25 -12.07
N VAL A 98 3.05 20.78 -11.96
CA VAL A 98 3.57 21.20 -10.62
C VAL A 98 2.71 22.33 -10.06
N GLU A 99 2.40 23.36 -10.85
CA GLU A 99 1.60 24.52 -10.36
C GLU A 99 0.21 24.01 -9.95
N MET A 100 -0.45 23.27 -10.85
CA MET A 100 -1.85 22.82 -10.66
C MET A 100 -1.93 22.01 -9.36
N ASN A 101 -0.84 21.34 -9.00
CA ASN A 101 -0.82 20.48 -7.79
C ASN A 101 -0.44 21.34 -6.58
N ILE A 102 0.08 22.55 -6.81
CA ILE A 102 0.37 23.56 -5.76
C ILE A 102 -0.90 24.39 -5.50
N CYS A 103 -1.74 24.53 -6.52
CA CYS A 103 -3.02 25.27 -6.50
C CYS A 103 -4.00 24.64 -5.52
N HIS A 104 -4.24 23.33 -5.66
CA HIS A 104 -5.21 22.48 -4.92
C HIS A 104 -6.62 23.03 -5.14
N PRO A 105 -7.13 22.91 -6.37
CA PRO A 105 -8.42 23.47 -6.73
C PRO A 105 -9.56 22.67 -6.08
N PHE A 106 -9.39 21.38 -5.89
CA PHE A 106 -10.48 20.52 -5.37
C PHE A 106 -10.26 20.29 -3.88
N ARG A 107 -11.39 20.11 -3.17
CA ARG A 107 -11.53 19.92 -1.70
C ARG A 107 -10.81 18.61 -1.32
N GLU A 108 -11.23 17.52 -1.96
CA GLU A 108 -10.57 16.19 -2.04
C GLU A 108 -10.52 15.84 -3.53
N GLY A 109 -9.88 14.74 -3.93
CA GLY A 109 -9.46 14.48 -5.33
C GLY A 109 -8.07 15.02 -5.48
N ASN A 110 -7.44 15.16 -4.32
CA ASN A 110 -6.11 15.78 -4.13
C ASN A 110 -5.18 15.06 -5.12
N GLY A 111 -5.12 15.52 -6.35
CA GLY A 111 -4.03 15.14 -7.24
C GLY A 111 -4.15 13.76 -7.84
N ARG A 112 -4.94 12.85 -7.29
CA ARG A 112 -5.32 11.58 -7.97
C ARG A 112 -5.88 11.89 -9.36
N SER A 113 -6.76 12.89 -9.39
CA SER A 113 -7.26 13.57 -10.62
C SER A 113 -6.06 14.06 -11.42
N MET A 114 -5.16 14.80 -10.74
CA MET A 114 -3.98 15.46 -11.34
C MET A 114 -3.20 14.47 -12.22
N ARG A 115 -2.96 13.24 -11.74
CA ARG A 115 -2.14 12.23 -12.46
C ARG A 115 -2.85 11.76 -13.73
N ILE A 116 -4.14 11.45 -13.67
CA ILE A 116 -4.92 11.03 -14.87
C ILE A 116 -4.93 12.19 -15.86
N TRP A 117 -5.04 13.41 -15.34
CA TRP A 117 -5.13 14.63 -16.18
C TRP A 117 -3.82 14.86 -16.93
N LEU A 118 -2.71 14.51 -16.25
CA LEU A 118 -1.31 14.64 -16.74
C LEU A 118 -1.07 13.63 -17.85
N ASP A 119 -1.33 12.36 -17.56
CA ASP A 119 -1.10 11.23 -18.51
C ASP A 119 -1.88 11.55 -19.80
N LEU A 120 -3.01 12.27 -19.73
CA LEU A 120 -3.84 12.63 -20.92
C LEU A 120 -3.15 13.71 -21.73
N ILE A 121 -2.35 14.55 -21.07
CA ILE A 121 -1.55 15.61 -21.74
C ILE A 121 -0.40 14.92 -22.47
N LEU A 122 0.50 14.28 -21.74
CA LEU A 122 1.64 13.54 -22.34
C LEU A 122 1.12 12.64 -23.48
N LYS A 123 -0.06 12.04 -23.34
CA LYS A 123 -0.66 11.06 -24.29
C LYS A 123 -1.04 11.79 -25.57
N LYS A 124 -1.62 12.98 -25.49
CA LYS A 124 -1.88 13.80 -26.70
C LYS A 124 -0.55 14.34 -27.22
N GLN A 125 0.10 15.19 -26.42
CA GLN A 125 1.21 16.08 -26.84
C GLN A 125 2.43 15.25 -27.28
N LEU A 126 2.93 14.38 -26.40
CA LEU A 126 4.24 13.72 -26.58
C LEU A 126 4.06 12.27 -27.02
N ASN A 127 2.82 11.79 -27.16
CA ASN A 127 2.50 10.36 -27.43
C ASN A 127 3.31 9.44 -26.50
N VAL A 128 3.28 9.71 -25.19
CA VAL A 128 3.79 8.82 -24.10
C VAL A 128 2.90 9.02 -22.88
N VAL A 129 2.90 8.06 -21.98
CA VAL A 129 2.36 8.24 -20.62
C VAL A 129 3.48 7.91 -19.63
N VAL A 130 3.29 8.23 -18.36
CA VAL A 130 4.18 7.76 -17.28
C VAL A 130 3.97 6.25 -17.10
N ASN A 131 5.08 5.57 -16.87
CA ASN A 131 5.12 4.13 -16.52
C ASN A 131 5.23 4.04 -15.00
N TRP A 132 4.19 4.52 -14.33
CA TRP A 132 4.16 4.89 -12.88
C TRP A 132 4.79 3.80 -12.01
N THR A 133 4.85 2.57 -12.49
CA THR A 133 5.07 1.36 -11.66
C THR A 133 6.48 1.39 -11.05
N ASN A 134 7.52 1.80 -11.78
CA ASN A 134 8.93 1.80 -11.28
C ASN A 134 9.20 3.07 -10.48
N ILE A 135 8.19 3.92 -10.35
CA ILE A 135 8.19 5.10 -9.45
C ILE A 135 7.63 4.64 -8.09
N ASN A 136 8.55 4.17 -7.26
CA ASN A 136 8.29 3.72 -5.86
C ASN A 136 7.74 4.94 -5.11
N LYS A 137 6.85 4.74 -4.13
CA LYS A 137 6.21 5.83 -3.35
C LYS A 137 7.29 6.75 -2.76
N ASP A 138 8.28 6.18 -2.08
CA ASP A 138 9.41 6.95 -1.48
C ASP A 138 9.89 8.04 -2.44
N GLU A 139 10.22 7.68 -3.68
CA GLU A 139 10.79 8.58 -4.71
C GLU A 139 9.83 9.75 -4.95
N TYR A 140 8.61 9.45 -5.43
CA TYR A 140 7.64 10.41 -6.04
C TYR A 140 7.22 11.45 -5.02
N LEU A 141 6.75 10.98 -3.87
CA LEU A 141 6.38 11.87 -2.76
C LEU A 141 7.47 12.93 -2.55
N LEU A 142 8.74 12.52 -2.47
CA LEU A 142 9.89 13.43 -2.33
C LEU A 142 9.99 14.37 -3.55
N ALA A 143 9.91 13.80 -4.75
CA ALA A 143 9.92 14.56 -6.02
C ALA A 143 8.97 15.75 -5.93
N MET A 144 7.83 15.52 -5.26
CA MET A 144 6.69 16.45 -5.16
C MET A 144 6.98 17.51 -4.09
N ILE A 145 7.70 17.15 -3.03
CA ILE A 145 8.05 18.13 -1.94
C ILE A 145 9.18 19.03 -2.47
N ASN A 146 10.22 18.47 -3.09
CA ASN A 146 11.28 19.29 -3.72
C ASN A 146 10.58 20.18 -4.72
N SER A 147 9.58 19.65 -5.42
CA SER A 147 8.86 20.31 -6.54
C SER A 147 8.25 21.66 -6.13
N LEU A 148 7.91 21.90 -4.86
CA LEU A 148 7.42 23.25 -4.42
C LEU A 148 8.48 24.28 -4.82
N ILE A 149 9.71 24.05 -4.37
CA ILE A 149 10.93 24.87 -4.67
C ILE A 149 11.44 24.63 -6.10
N ASP A 150 12.02 23.44 -6.39
CA ASP A 150 12.67 23.09 -7.68
C ASP A 150 12.07 21.81 -8.30
N SER A 151 11.54 21.94 -9.51
CA SER A 151 10.77 20.88 -10.22
C SER A 151 11.72 19.89 -10.90
N THR A 152 13.03 20.00 -10.67
CA THR A 152 14.06 19.24 -11.43
C THR A 152 14.04 17.76 -11.06
N ASN A 153 14.00 17.46 -9.75
CA ASN A 153 13.96 16.07 -9.23
C ASN A 153 12.71 15.38 -9.77
N LEU A 154 11.56 16.05 -9.74
CA LEU A 154 10.31 15.49 -10.30
C LEU A 154 10.53 15.26 -11.80
N LYS A 155 10.97 16.31 -12.49
CA LYS A 155 11.16 16.29 -13.96
C LYS A 155 12.04 15.09 -14.33
N LEU A 156 13.03 14.80 -13.50
CA LEU A 156 14.11 13.84 -13.80
C LEU A 156 13.58 12.42 -13.58
N LEU A 157 12.78 12.19 -12.53
CA LEU A 157 12.13 10.90 -12.19
C LEU A 157 11.14 10.53 -13.29
N ILE A 158 10.41 11.52 -13.80
CA ILE A 158 9.31 11.27 -14.77
C ILE A 158 9.95 11.13 -16.16
N LYS A 159 11.15 11.70 -16.35
CA LYS A 159 11.96 11.58 -17.60
C LYS A 159 12.30 10.10 -17.78
N ASN A 160 12.95 9.50 -16.77
CA ASN A 160 13.56 8.15 -16.83
C ASN A 160 12.49 7.06 -16.98
N ASN A 161 11.22 7.31 -16.61
CA ASN A 161 10.13 6.29 -16.54
C ASN A 161 8.95 6.65 -17.45
N LEU A 162 9.19 6.89 -18.73
CA LEU A 162 8.10 7.06 -19.73
C LEU A 162 7.85 5.70 -20.40
N THR A 163 6.74 5.58 -21.13
CA THR A 163 6.44 4.43 -22.02
C THR A 163 5.59 4.96 -23.17
N ASN A 164 5.67 4.27 -24.32
CA ASN A 164 4.92 4.62 -25.55
C ASN A 164 3.76 3.64 -25.68
N LYS A 165 3.32 3.07 -24.56
CA LYS A 165 2.20 2.10 -24.52
C LYS A 165 0.97 2.89 -24.09
N ILE A 166 0.58 3.85 -24.93
CA ILE A 166 -0.40 4.92 -24.58
C ILE A 166 -1.80 4.35 -24.75
N THR A 167 -1.93 3.13 -25.27
CA THR A 167 -3.25 2.50 -25.48
C THR A 167 -3.35 1.17 -24.74
N ASP A 168 -2.28 0.71 -24.10
CA ASP A 168 -2.31 -0.52 -23.26
C ASP A 168 -3.19 -0.22 -22.07
N ARG A 169 -4.38 -0.84 -22.04
CA ARG A 169 -5.34 -0.65 -20.93
C ARG A 169 -4.71 -1.12 -19.59
N ASN A 170 -3.82 -2.10 -19.60
CA ASN A 170 -3.08 -2.52 -18.38
C ASN A 170 -2.17 -1.38 -17.90
N VAL A 171 -1.55 -0.61 -18.80
CA VAL A 171 -0.67 0.52 -18.34
C VAL A 171 -1.58 1.47 -17.58
N TYR A 172 -2.73 1.80 -18.17
CA TYR A 172 -3.74 2.69 -17.54
C TYR A 172 -4.09 2.19 -16.14
N ILE A 173 -4.28 0.87 -15.98
CA ILE A 173 -4.67 0.23 -14.70
C ILE A 173 -3.48 0.25 -13.74
N LYS A 174 -2.25 0.01 -14.21
CA LYS A 174 -1.05 -0.03 -13.33
C LYS A 174 -0.86 1.40 -12.78
N SER A 175 -1.33 2.36 -13.57
CA SER A 175 -1.35 3.80 -13.24
C SER A 175 -2.23 3.99 -12.03
N ILE A 176 -3.46 3.48 -12.10
CA ILE A 176 -4.54 3.74 -11.10
C ILE A 176 -4.11 3.10 -9.78
N ILE A 177 -3.52 1.90 -9.83
CA ILE A 177 -3.09 1.17 -8.61
C ILE A 177 -2.03 2.01 -7.91
N LYS A 178 -1.05 2.45 -8.71
CA LYS A 178 0.11 3.24 -8.25
C LYS A 178 -0.38 4.57 -7.70
N SER A 179 -1.43 5.14 -8.33
CA SER A 179 -1.94 6.50 -8.06
C SER A 179 -2.50 6.50 -6.63
N TYR A 180 -3.23 5.43 -6.28
CA TYR A 180 -3.85 5.26 -4.94
C TYR A 180 -2.73 4.91 -3.95
N GLU A 181 -1.85 3.97 -4.31
CA GLU A 181 -0.63 3.62 -3.54
C GLU A 181 0.04 4.92 -3.03
N TYR A 182 0.17 5.94 -3.89
CA TYR A 182 0.86 7.20 -3.53
C TYR A 182 -0.01 7.92 -2.48
N GLU A 183 -1.31 7.96 -2.70
CA GLU A 183 -2.28 8.58 -1.76
C GLU A 183 -2.61 7.63 -0.61
N GLY A 184 -2.03 6.43 -0.60
CA GLY A 184 -2.01 5.56 0.60
C GLY A 184 -3.24 4.69 0.73
N PHE A 185 -3.71 4.12 -0.38
CA PHE A 185 -4.76 3.08 -0.45
C PHE A 185 -4.20 1.87 -1.20
N LYS A 186 -4.55 0.65 -0.78
CA LYS A 186 -4.13 -0.58 -1.50
C LYS A 186 -4.90 -0.62 -2.82
N ILE A 187 -5.98 -1.40 -2.90
CA ILE A 187 -6.74 -1.71 -4.16
C ILE A 187 -5.84 -2.47 -5.13
N ASN A 188 -6.44 -3.39 -5.88
CA ASN A 188 -5.81 -4.24 -6.91
C ASN A 188 -6.91 -4.47 -7.94
N ILE A 189 -6.58 -4.57 -9.22
CA ILE A 189 -7.58 -4.64 -10.33
C ILE A 189 -7.32 -5.91 -11.16
N LYS A 190 -8.40 -6.43 -11.77
CA LYS A 190 -8.41 -7.67 -12.58
C LYS A 190 -7.91 -7.38 -14.00
N LEU B 6 -46.59 1.02 9.09
CA LEU B 6 -45.74 0.13 9.94
C LEU B 6 -45.92 -1.34 9.50
N GLU B 7 -45.96 -1.60 8.18
CA GLU B 7 -46.02 -2.96 7.56
C GLU B 7 -44.81 -3.14 6.64
N GLU B 8 -43.61 -3.10 7.23
CA GLU B 8 -42.32 -3.46 6.57
C GLU B 8 -42.09 -4.97 6.75
N GLU B 9 -42.53 -5.55 7.87
CA GLU B 9 -42.36 -7.00 8.22
C GLU B 9 -43.33 -7.85 7.39
N PHE B 10 -44.48 -7.30 7.05
CA PHE B 10 -45.45 -7.92 6.12
C PHE B 10 -44.77 -8.06 4.76
N GLU B 11 -44.41 -6.91 4.18
CA GLU B 11 -43.71 -6.78 2.88
C GLU B 11 -42.57 -7.82 2.79
N ILE B 12 -41.91 -8.17 3.91
CA ILE B 12 -40.76 -9.13 3.96
C ILE B 12 -41.26 -10.56 3.93
N ASN B 13 -42.13 -10.93 4.88
CA ASN B 13 -42.87 -12.22 4.91
C ASN B 13 -43.54 -12.45 3.53
N LEU B 14 -44.01 -11.40 2.86
CA LEU B 14 -44.71 -11.46 1.55
C LEU B 14 -43.75 -11.87 0.43
N SER B 15 -42.77 -11.03 0.12
CA SER B 15 -41.76 -11.34 -0.92
C SER B 15 -41.23 -12.76 -0.68
N VAL B 16 -40.97 -13.14 0.58
CA VAL B 16 -40.47 -14.50 0.92
C VAL B 16 -41.53 -15.52 0.52
N LYS B 17 -42.81 -15.22 0.77
CA LYS B 17 -43.91 -16.06 0.26
C LYS B 17 -43.70 -16.15 -1.26
N HIS B 18 -43.87 -15.03 -1.95
CA HIS B 18 -43.72 -14.92 -3.43
C HIS B 18 -42.56 -15.83 -3.89
N LEU B 19 -41.42 -15.80 -3.20
CA LEU B 19 -40.20 -16.54 -3.63
C LEU B 19 -40.43 -18.05 -3.52
N LEU B 20 -41.31 -18.49 -2.63
CA LEU B 20 -41.55 -19.94 -2.43
C LEU B 20 -42.52 -20.42 -3.51
N GLU B 21 -43.63 -19.72 -3.69
CA GLU B 21 -44.56 -19.93 -4.84
C GLU B 21 -43.74 -20.22 -6.09
N LEU B 22 -42.68 -19.44 -6.32
CA LEU B 22 -41.74 -19.57 -7.46
C LEU B 22 -41.15 -21.00 -7.52
N TRP B 23 -40.74 -21.54 -6.37
CA TRP B 23 -40.12 -22.90 -6.25
C TRP B 23 -41.17 -23.99 -6.43
N ASP B 24 -42.31 -23.83 -5.75
CA ASP B 24 -43.39 -24.83 -5.55
C ASP B 24 -44.22 -24.99 -6.84
N LYS B 25 -44.98 -23.98 -7.27
CA LYS B 25 -45.72 -23.97 -8.58
C LYS B 25 -44.76 -24.26 -9.74
N ASN B 26 -43.45 -24.24 -9.48
CA ASN B 26 -42.41 -24.77 -10.38
C ASN B 26 -42.12 -23.73 -11.45
N LEU B 27 -42.45 -22.47 -11.15
CA LEU B 27 -42.44 -21.32 -12.10
C LEU B 27 -41.02 -20.82 -12.39
N LEU B 28 -40.01 -21.06 -11.54
CA LEU B 28 -38.66 -20.42 -11.69
C LEU B 28 -37.82 -21.10 -12.79
N ASN B 29 -38.20 -22.29 -13.27
CA ASN B 29 -37.58 -22.91 -14.47
C ASN B 29 -38.17 -22.28 -15.74
N THR B 30 -39.35 -21.63 -15.65
CA THR B 30 -39.94 -20.73 -16.69
C THR B 30 -38.90 -19.66 -17.11
N PHE B 31 -38.38 -18.88 -16.16
CA PHE B 31 -37.67 -17.58 -16.32
C PHE B 31 -36.47 -17.63 -17.29
N GLU B 32 -36.32 -16.56 -18.07
CA GLU B 32 -35.25 -16.35 -19.08
C GLU B 32 -33.91 -16.29 -18.34
N ILE B 33 -32.97 -17.12 -18.75
CA ILE B 33 -31.69 -17.31 -18.03
C ILE B 33 -30.70 -16.26 -18.53
N GLY B 34 -30.27 -15.34 -17.68
CA GLY B 34 -29.09 -14.51 -17.96
C GLY B 34 -29.36 -13.33 -18.90
N THR B 35 -30.61 -12.96 -19.07
CA THR B 35 -30.94 -11.71 -19.77
C THR B 35 -31.23 -10.68 -18.70
N PHE B 36 -31.58 -9.45 -19.08
CA PHE B 36 -32.28 -8.51 -18.17
C PHE B 36 -33.75 -8.91 -18.11
N LYS B 37 -34.38 -9.12 -19.27
CA LYS B 37 -35.78 -9.61 -19.36
C LYS B 37 -35.93 -10.68 -18.29
N GLY B 38 -34.90 -11.51 -18.12
CA GLY B 38 -34.78 -12.55 -17.07
C GLY B 38 -34.94 -12.05 -15.64
N LEU B 39 -34.07 -11.11 -15.23
CA LEU B 39 -34.05 -10.49 -13.88
C LEU B 39 -35.38 -9.74 -13.70
N SER B 40 -35.81 -9.04 -14.75
CA SER B 40 -37.06 -8.24 -14.82
C SER B 40 -38.24 -9.04 -14.27
N GLN B 41 -38.33 -10.31 -14.68
CA GLN B 41 -39.48 -11.18 -14.39
C GLN B 41 -39.39 -11.67 -12.93
N ILE B 42 -38.18 -11.96 -12.44
CA ILE B 42 -37.95 -12.39 -11.03
C ILE B 42 -38.31 -11.24 -10.09
N HIS B 43 -37.78 -10.04 -10.39
CA HIS B 43 -38.08 -8.79 -9.66
C HIS B 43 -39.58 -8.50 -9.71
N SER B 44 -40.22 -8.70 -10.88
CA SER B 44 -41.65 -8.45 -11.13
C SER B 44 -42.50 -9.26 -10.15
N TYR B 45 -42.41 -10.58 -10.27
CA TYR B 45 -43.19 -11.54 -9.44
C TYR B 45 -42.86 -11.26 -7.97
N MET B 46 -41.57 -11.35 -7.66
CA MET B 46 -41.04 -11.30 -6.28
C MET B 46 -41.73 -10.19 -5.48
N PHE B 47 -41.82 -8.99 -6.06
CA PHE B 47 -42.28 -7.74 -5.39
C PHE B 47 -43.70 -7.40 -5.84
N LYS B 48 -44.42 -8.33 -6.49
CA LYS B 48 -45.68 -8.02 -7.18
C LYS B 48 -46.49 -7.04 -6.34
N ASP B 49 -46.72 -7.38 -5.06
CA ASP B 49 -47.70 -6.66 -4.21
C ASP B 49 -46.95 -5.79 -3.20
N ILE B 50 -45.72 -5.36 -3.50
CA ILE B 50 -44.90 -4.53 -2.56
C ILE B 50 -44.41 -3.22 -3.21
N PHE B 51 -44.13 -3.19 -4.50
CA PHE B 51 -43.66 -1.94 -5.18
C PHE B 51 -44.44 -1.71 -6.46
N ASP B 52 -44.85 -0.46 -6.65
CA ASP B 52 -45.61 -0.03 -7.85
C ASP B 52 -44.64 -0.07 -9.02
N PHE B 53 -43.34 0.04 -8.74
CA PHE B 53 -42.25 0.04 -9.76
C PHE B 53 -41.71 -1.38 -9.92
N ASN B 54 -42.43 -2.40 -9.44
CA ASN B 54 -41.94 -3.81 -9.45
C ASN B 54 -41.65 -4.23 -10.89
N GLY B 55 -40.40 -4.61 -11.17
CA GLY B 55 -39.95 -5.16 -12.46
C GLY B 55 -39.51 -4.06 -13.42
N GLN B 56 -39.92 -2.81 -13.16
CA GLN B 56 -39.72 -1.64 -14.04
C GLN B 56 -38.35 -1.02 -13.75
N ILE B 57 -37.63 -0.65 -14.80
CA ILE B 57 -36.32 0.07 -14.71
C ILE B 57 -36.59 1.42 -14.05
N ARG B 58 -35.81 1.82 -13.04
CA ARG B 58 -35.87 3.16 -12.39
C ARG B 58 -35.65 4.28 -13.44
N ASN B 59 -36.03 5.51 -13.12
CA ASN B 59 -36.00 6.71 -14.01
C ASN B 59 -35.02 7.75 -13.46
N VAL B 60 -35.33 8.26 -12.27
CA VAL B 60 -34.48 9.13 -11.38
C VAL B 60 -33.09 8.50 -11.22
N ASN B 61 -32.08 9.31 -10.86
CA ASN B 61 -30.72 8.83 -10.49
C ASN B 61 -30.73 7.96 -9.23
N ALA B 72 -29.81 7.35 -16.60
CA ALA B 72 -31.28 7.17 -16.47
C ALA B 72 -31.86 6.77 -17.83
N ARG B 73 -31.18 7.13 -18.91
CA ARG B 73 -31.60 6.86 -20.31
C ARG B 73 -30.55 5.93 -20.95
N TYR B 74 -29.28 6.01 -20.48
CA TYR B 74 -28.15 5.14 -20.91
C TYR B 74 -28.12 3.90 -20.02
N LEU B 75 -29.15 3.66 -19.22
CA LEU B 75 -29.28 2.44 -18.37
C LEU B 75 -29.71 1.28 -19.25
N LYS B 76 -30.84 1.45 -19.95
CA LYS B 76 -31.22 0.69 -21.18
C LYS B 76 -29.95 0.24 -21.90
N GLN B 77 -29.10 1.23 -22.23
CA GLN B 77 -27.83 1.04 -22.98
C GLN B 77 -27.01 -0.07 -22.32
N ASN B 78 -26.76 0.00 -21.00
CA ASN B 78 -25.86 -0.96 -20.29
C ASN B 78 -26.45 -2.37 -20.42
N LEU B 79 -27.78 -2.50 -20.22
CA LEU B 79 -28.47 -3.81 -20.08
C LEU B 79 -28.32 -4.60 -21.38
N GLU B 80 -28.52 -3.95 -22.52
CA GLU B 80 -28.29 -4.57 -23.85
C GLU B 80 -26.86 -5.12 -23.89
N ILE B 81 -25.89 -4.35 -23.38
CA ILE B 81 -24.44 -4.72 -23.41
C ILE B 81 -24.28 -6.03 -22.63
N ILE B 82 -24.80 -6.02 -21.40
CA ILE B 82 -24.78 -7.18 -20.48
C ILE B 82 -25.49 -8.35 -21.17
N ASP B 83 -26.73 -8.14 -21.60
CA ASP B 83 -27.58 -9.18 -22.25
C ASP B 83 -26.72 -10.01 -23.22
N ASN B 84 -25.77 -9.36 -23.91
CA ASN B 84 -24.96 -9.98 -24.98
C ASN B 84 -23.70 -10.64 -24.41
N MET B 85 -23.29 -10.33 -23.18
CA MET B 85 -22.17 -11.03 -22.51
C MET B 85 -22.49 -12.53 -22.46
N LYS B 86 -21.59 -13.37 -22.98
CA LYS B 86 -21.70 -14.86 -22.94
C LYS B 86 -21.74 -15.28 -21.47
N HIS B 87 -22.41 -16.41 -21.16
CA HIS B 87 -22.63 -16.95 -19.78
C HIS B 87 -22.58 -18.47 -19.80
N ASP B 88 -21.43 -19.03 -20.18
CA ASP B 88 -21.24 -20.46 -20.53
C ASP B 88 -20.25 -21.05 -19.54
N THR B 89 -19.03 -20.51 -19.41
CA THR B 89 -18.10 -20.88 -18.29
C THR B 89 -18.55 -20.15 -17.04
N PHE B 90 -18.04 -20.58 -15.88
CA PHE B 90 -18.30 -19.97 -14.56
C PHE B 90 -17.81 -18.53 -14.58
N ASP B 91 -16.55 -18.34 -15.00
CA ASP B 91 -15.86 -17.02 -14.97
C ASP B 91 -16.74 -16.02 -15.73
N GLN B 92 -17.39 -16.48 -16.79
CA GLN B 92 -18.29 -15.63 -17.62
C GLN B 92 -19.50 -15.19 -16.79
N ILE B 93 -20.08 -16.13 -16.05
CA ILE B 93 -21.39 -15.97 -15.35
C ILE B 93 -21.20 -14.92 -14.26
N ILE B 94 -20.18 -15.11 -13.43
CA ILE B 94 -19.90 -14.16 -12.31
C ILE B 94 -19.54 -12.81 -12.93
N ASP B 95 -18.89 -12.81 -14.10
CA ASP B 95 -18.63 -11.56 -14.87
C ASP B 95 -19.97 -10.89 -15.18
N LYS B 96 -21.02 -11.68 -15.48
CA LYS B 96 -22.37 -11.17 -15.83
C LYS B 96 -23.06 -10.65 -14.57
N TYR B 97 -22.96 -11.40 -13.47
CA TYR B 97 -23.44 -11.01 -12.12
C TYR B 97 -22.81 -9.66 -11.77
N VAL B 98 -21.48 -9.59 -11.71
CA VAL B 98 -20.77 -8.35 -11.31
C VAL B 98 -21.38 -7.19 -12.09
N GLU B 99 -21.34 -7.22 -13.43
CA GLU B 99 -21.71 -6.06 -14.28
C GLU B 99 -23.20 -5.74 -14.11
N MET B 100 -24.05 -6.78 -14.02
CA MET B 100 -25.52 -6.61 -13.82
C MET B 100 -25.73 -5.90 -12.48
N ASN B 101 -24.99 -6.28 -11.43
CA ASN B 101 -25.10 -5.71 -10.07
C ASN B 101 -24.55 -4.28 -10.07
N ILE B 102 -23.56 -4.02 -10.93
CA ILE B 102 -22.91 -2.68 -11.11
C ILE B 102 -23.95 -1.74 -11.75
N CYS B 103 -24.81 -2.27 -12.61
CA CYS B 103 -25.83 -1.49 -13.34
C CYS B 103 -26.96 -1.10 -12.39
N HIS B 104 -27.24 -1.95 -11.39
CA HIS B 104 -28.29 -1.76 -10.36
C HIS B 104 -29.55 -1.11 -10.91
N PRO B 105 -30.26 -1.78 -11.85
CA PRO B 105 -31.31 -1.13 -12.63
C PRO B 105 -32.71 -0.96 -12.04
N PHE B 106 -32.95 -1.41 -10.80
CA PHE B 106 -34.25 -1.25 -10.10
C PHE B 106 -34.12 -0.18 -9.01
N ARG B 107 -35.20 0.56 -8.70
CA ARG B 107 -35.27 1.47 -7.54
C ARG B 107 -34.70 0.73 -6.31
N GLU B 108 -35.20 -0.47 -5.99
CA GLU B 108 -34.93 -1.12 -4.66
C GLU B 108 -34.87 -2.67 -4.71
N GLY B 109 -34.10 -3.24 -3.75
CA GLY B 109 -33.79 -4.67 -3.60
C GLY B 109 -33.36 -5.34 -4.89
N ASN B 110 -32.23 -4.90 -5.42
CA ASN B 110 -31.70 -5.49 -6.67
C ASN B 110 -30.95 -6.74 -6.33
N GLY B 111 -30.07 -6.64 -5.34
CA GLY B 111 -29.14 -7.71 -4.97
C GLY B 111 -29.87 -8.99 -4.66
N ARG B 112 -31.08 -8.88 -4.07
CA ARG B 112 -31.97 -10.04 -3.77
C ARG B 112 -32.39 -10.77 -5.06
N SER B 113 -33.10 -10.07 -5.96
CA SER B 113 -33.52 -10.60 -7.28
C SER B 113 -32.31 -11.16 -8.05
N MET B 114 -31.10 -10.64 -7.82
CA MET B 114 -29.91 -10.93 -8.66
C MET B 114 -29.19 -12.16 -8.14
N ARG B 115 -29.37 -12.53 -6.87
CA ARG B 115 -28.74 -13.75 -6.29
C ARG B 115 -29.56 -14.96 -6.70
N ILE B 116 -30.86 -14.76 -6.94
CA ILE B 116 -31.82 -15.76 -7.51
C ILE B 116 -31.52 -15.93 -9.00
N TRP B 117 -31.50 -14.80 -9.70
CA TRP B 117 -31.11 -14.66 -11.13
C TRP B 117 -29.83 -15.44 -11.37
N LEU B 118 -28.90 -15.37 -10.42
CA LEU B 118 -27.56 -15.99 -10.51
C LEU B 118 -27.73 -17.48 -10.34
N ASP B 119 -28.39 -17.89 -9.27
CA ASP B 119 -28.60 -19.32 -8.96
C ASP B 119 -29.21 -19.95 -10.22
N LEU B 120 -30.18 -19.27 -10.83
CA LEU B 120 -30.93 -19.77 -12.01
C LEU B 120 -30.00 -20.00 -13.21
N ILE B 121 -29.02 -19.12 -13.42
CA ILE B 121 -28.07 -19.24 -14.57
C ILE B 121 -27.18 -20.46 -14.31
N LEU B 122 -26.51 -20.50 -13.17
CA LEU B 122 -25.57 -21.60 -12.81
C LEU B 122 -26.29 -22.93 -12.95
N LYS B 123 -27.48 -23.02 -12.35
CA LYS B 123 -28.31 -24.25 -12.30
C LYS B 123 -28.47 -24.76 -13.73
N LYS B 124 -28.68 -23.87 -14.71
CA LYS B 124 -28.79 -24.25 -16.14
C LYS B 124 -27.42 -24.71 -16.64
N GLN B 125 -26.40 -23.86 -16.51
CA GLN B 125 -25.14 -23.95 -17.30
C GLN B 125 -24.15 -24.92 -16.65
N LEU B 126 -24.07 -25.03 -15.33
CA LEU B 126 -23.08 -25.94 -14.70
C LEU B 126 -23.74 -26.86 -13.68
N ASN B 127 -25.08 -26.97 -13.72
CA ASN B 127 -25.86 -27.94 -12.91
C ASN B 127 -25.51 -27.80 -11.44
N VAL B 128 -25.50 -26.57 -10.93
CA VAL B 128 -25.16 -26.26 -9.51
C VAL B 128 -25.85 -24.98 -9.11
N VAL B 129 -25.94 -24.75 -7.81
CA VAL B 129 -26.37 -23.44 -7.24
C VAL B 129 -25.35 -23.00 -6.19
N VAL B 130 -25.63 -21.90 -5.51
CA VAL B 130 -24.68 -21.31 -4.53
C VAL B 130 -25.24 -21.62 -3.15
N ASN B 131 -24.42 -22.26 -2.33
CA ASN B 131 -24.81 -22.64 -0.95
C ASN B 131 -24.54 -21.43 -0.06
N TRP B 132 -25.42 -20.43 -0.16
CA TRP B 132 -25.23 -19.09 0.44
C TRP B 132 -25.03 -19.20 1.96
N THR B 133 -25.35 -20.34 2.58
CA THR B 133 -25.39 -20.46 4.06
C THR B 133 -23.98 -20.70 4.62
N ASN B 134 -23.09 -21.28 3.82
CA ASN B 134 -21.62 -21.26 4.08
C ASN B 134 -21.09 -19.83 3.91
N ILE B 135 -21.51 -19.13 2.86
CA ILE B 135 -20.98 -17.79 2.45
C ILE B 135 -21.38 -16.81 3.57
N ASN B 136 -20.39 -16.53 4.43
CA ASN B 136 -20.38 -15.60 5.59
C ASN B 136 -20.87 -14.25 5.07
N LYS B 137 -21.74 -13.54 5.79
CA LYS B 137 -22.35 -12.25 5.32
C LYS B 137 -21.27 -11.21 5.02
N ASP B 138 -20.31 -11.07 5.94
CA ASP B 138 -19.24 -10.03 5.86
C ASP B 138 -18.37 -10.33 4.64
N GLU B 139 -17.81 -11.54 4.59
CA GLU B 139 -16.89 -11.94 3.50
C GLU B 139 -17.52 -11.63 2.13
N TYR B 140 -18.83 -11.82 1.99
CA TYR B 140 -19.56 -11.64 0.71
C TYR B 140 -19.62 -10.15 0.38
N LEU B 141 -20.31 -9.39 1.24
CA LEU B 141 -20.41 -7.90 1.16
C LEU B 141 -19.04 -7.40 0.73
N LEU B 142 -17.99 -7.89 1.38
CA LEU B 142 -16.60 -7.43 1.15
C LEU B 142 -16.14 -7.77 -0.27
N ALA B 143 -16.23 -9.05 -0.65
CA ALA B 143 -15.76 -9.53 -1.96
C ALA B 143 -16.60 -8.90 -3.07
N MET B 144 -17.83 -8.43 -2.75
CA MET B 144 -18.74 -7.76 -3.71
C MET B 144 -18.33 -6.30 -3.94
N ILE B 145 -17.75 -5.62 -2.94
CA ILE B 145 -17.23 -4.22 -3.07
C ILE B 145 -15.95 -4.25 -3.93
N ASN B 146 -15.01 -5.15 -3.59
CA ASN B 146 -13.81 -5.43 -4.43
C ASN B 146 -14.25 -5.80 -5.86
N SER B 147 -15.52 -6.14 -6.09
CA SER B 147 -16.03 -6.69 -7.37
C SER B 147 -16.20 -5.59 -8.43
N LEU B 148 -16.18 -4.33 -8.05
CA LEU B 148 -16.23 -3.22 -9.04
C LEU B 148 -14.86 -3.16 -9.71
N ILE B 149 -13.80 -3.04 -8.91
CA ILE B 149 -12.38 -3.20 -9.30
C ILE B 149 -12.02 -4.63 -9.77
N ASP B 150 -12.15 -5.63 -8.89
CA ASP B 150 -11.50 -6.96 -9.00
C ASP B 150 -12.48 -8.05 -8.53
N SER B 151 -13.10 -8.75 -9.49
CA SER B 151 -14.16 -9.76 -9.27
C SER B 151 -13.55 -11.12 -8.88
N THR B 152 -12.24 -11.18 -8.62
CA THR B 152 -11.54 -12.42 -8.19
C THR B 152 -12.14 -12.92 -6.88
N ASN B 153 -11.93 -12.17 -5.78
CA ASN B 153 -12.31 -12.59 -4.41
C ASN B 153 -13.69 -13.27 -4.48
N LEU B 154 -14.63 -12.65 -5.22
CA LEU B 154 -16.04 -13.15 -5.35
C LEU B 154 -16.08 -14.49 -6.08
N LYS B 155 -15.22 -14.67 -7.09
CA LYS B 155 -15.14 -15.90 -7.91
C LYS B 155 -14.78 -17.07 -6.98
N LEU B 156 -13.60 -17.02 -6.35
CA LEU B 156 -13.18 -18.05 -5.37
C LEU B 156 -14.35 -18.31 -4.41
N LEU B 157 -14.87 -17.28 -3.74
CA LEU B 157 -15.86 -17.45 -2.65
C LEU B 157 -17.03 -18.30 -3.13
N ILE B 158 -17.56 -18.03 -4.34
CA ILE B 158 -18.78 -18.70 -4.91
C ILE B 158 -18.40 -20.10 -5.40
N LYS B 159 -17.23 -20.27 -6.05
CA LYS B 159 -16.74 -21.57 -6.56
C LYS B 159 -16.72 -22.58 -5.39
N ASN B 160 -16.00 -22.25 -4.31
CA ASN B 160 -15.88 -23.06 -3.06
C ASN B 160 -17.24 -23.52 -2.54
N ASN B 161 -18.29 -22.70 -2.70
CA ASN B 161 -19.60 -22.91 -2.01
C ASN B 161 -20.69 -23.17 -3.06
N LEU B 162 -20.30 -23.72 -4.22
CA LEU B 162 -21.23 -24.42 -5.12
C LEU B 162 -21.72 -25.70 -4.44
N THR B 163 -22.92 -26.15 -4.82
CA THR B 163 -23.45 -27.50 -4.52
C THR B 163 -24.18 -27.96 -5.78
N ASN B 164 -24.20 -29.27 -6.02
CA ASN B 164 -24.93 -29.88 -7.16
C ASN B 164 -26.38 -30.16 -6.73
N LYS B 165 -26.75 -29.87 -5.48
CA LYS B 165 -28.08 -30.17 -4.89
C LYS B 165 -29.14 -29.19 -5.45
N ILE B 166 -29.32 -29.17 -6.77
CA ILE B 166 -29.96 -28.04 -7.52
C ILE B 166 -31.48 -28.16 -7.37
N THR B 167 -31.96 -29.16 -6.63
CA THR B 167 -33.41 -29.48 -6.52
C THR B 167 -33.81 -29.62 -5.05
N ASP B 168 -33.00 -29.10 -4.11
CA ASP B 168 -33.15 -29.34 -2.64
C ASP B 168 -33.89 -28.16 -1.98
N ARG B 169 -35.21 -28.12 -2.11
CA ARG B 169 -36.05 -27.05 -1.51
C ARG B 169 -35.45 -26.51 -0.21
N ASN B 170 -34.60 -27.28 0.49
CA ASN B 170 -33.90 -26.83 1.73
C ASN B 170 -32.84 -25.81 1.34
N VAL B 171 -31.80 -26.24 0.64
CA VAL B 171 -30.73 -25.35 0.08
C VAL B 171 -31.43 -24.05 -0.35
N TYR B 172 -32.56 -24.15 -1.07
CA TYR B 172 -33.35 -22.99 -1.60
C TYR B 172 -33.93 -22.16 -0.46
N ILE B 173 -34.52 -22.80 0.56
CA ILE B 173 -35.07 -22.10 1.76
C ILE B 173 -33.92 -21.35 2.46
N LYS B 174 -32.78 -22.00 2.65
CA LYS B 174 -31.69 -21.48 3.50
C LYS B 174 -30.97 -20.38 2.72
N SER B 175 -31.07 -20.44 1.39
CA SER B 175 -30.49 -19.45 0.43
C SER B 175 -31.33 -18.19 0.44
N ILE B 176 -32.65 -18.31 0.43
CA ILE B 176 -33.55 -17.14 0.70
C ILE B 176 -33.03 -16.43 1.95
N ILE B 177 -32.69 -17.19 3.00
CA ILE B 177 -32.39 -16.62 4.34
C ILE B 177 -31.09 -15.81 4.24
N LYS B 178 -29.99 -16.39 3.76
CA LYS B 178 -28.68 -15.67 3.73
C LYS B 178 -28.76 -14.51 2.75
N SER B 179 -29.49 -14.66 1.64
CA SER B 179 -29.70 -13.56 0.66
C SER B 179 -30.40 -12.42 1.38
N TYR B 180 -31.44 -12.74 2.15
CA TYR B 180 -32.24 -11.75 2.92
C TYR B 180 -31.37 -11.11 4.00
N GLU B 181 -30.52 -11.92 4.65
CA GLU B 181 -29.60 -11.45 5.71
C GLU B 181 -28.59 -10.46 5.14
N TYR B 182 -28.09 -10.70 3.92
CA TYR B 182 -27.03 -9.80 3.40
C TYR B 182 -27.64 -8.41 3.24
N GLU B 183 -28.87 -8.33 2.75
CA GLU B 183 -29.50 -7.02 2.46
C GLU B 183 -30.30 -6.55 3.69
N GLY B 184 -29.86 -6.87 4.91
CA GLY B 184 -30.69 -6.52 6.09
C GLY B 184 -31.52 -7.70 6.52
N PHE B 185 -32.72 -7.48 7.07
CA PHE B 185 -33.84 -8.47 7.20
C PHE B 185 -33.41 -9.85 7.74
N LYS B 186 -34.03 -10.29 8.84
CA LYS B 186 -33.67 -11.56 9.53
C LYS B 186 -34.62 -12.67 9.08
N ILE B 187 -35.89 -12.62 9.50
CA ILE B 187 -36.99 -13.61 9.26
C ILE B 187 -36.51 -15.05 9.49
N ASN B 188 -37.44 -15.93 9.87
CA ASN B 188 -37.23 -17.41 10.04
C ASN B 188 -38.04 -18.14 8.98
N ILE B 189 -37.69 -19.40 8.67
CA ILE B 189 -38.16 -20.09 7.43
C ILE B 189 -39.68 -19.90 7.29
N LYS B 190 -40.45 -20.11 8.37
CA LYS B 190 -41.93 -20.30 8.36
C LYS B 190 -42.63 -19.08 8.97
N ALA C 3 11.84 22.04 5.72
CA ALA C 3 12.01 21.11 6.88
C ALA C 3 11.14 19.84 6.68
N ASN C 4 10.86 19.47 5.43
CA ASN C 4 10.23 18.19 5.00
C ASN C 4 11.27 17.06 5.07
N PHE C 5 11.21 16.40 6.22
CA PHE C 5 11.88 15.14 6.63
C PHE C 5 10.84 14.04 6.36
N LEU C 6 10.41 13.87 5.11
CA LEU C 6 9.89 12.57 4.59
C LEU C 6 11.01 11.55 4.86
N GLU C 7 12.25 12.03 5.00
CA GLU C 7 13.48 11.22 5.25
C GLU C 7 13.54 10.68 6.68
N GLU C 8 12.61 11.08 7.54
CA GLU C 8 12.25 10.28 8.72
C GLU C 8 11.14 9.27 8.30
N GLU C 9 11.31 8.69 7.12
CA GLU C 9 10.80 7.34 6.75
C GLU C 9 11.88 6.34 7.15
N PHE C 10 13.08 6.86 7.40
CA PHE C 10 14.17 6.18 8.11
C PHE C 10 13.64 5.37 9.31
N GLU C 11 12.76 5.94 10.14
CA GLU C 11 12.17 5.27 11.35
C GLU C 11 11.40 4.02 10.90
N ILE C 12 10.47 4.16 9.96
CA ILE C 12 9.71 3.00 9.42
C ILE C 12 10.71 1.93 8.98
N ASN C 13 11.71 2.33 8.19
CA ASN C 13 12.67 1.34 7.61
C ASN C 13 13.51 0.71 8.72
N LEU C 14 14.03 1.53 9.63
CA LEU C 14 14.93 1.00 10.68
C LEU C 14 14.20 -0.09 11.45
N SER C 15 12.94 0.17 11.83
CA SER C 15 12.23 -0.80 12.70
C SER C 15 12.03 -2.12 11.97
N VAL C 16 11.77 -2.08 10.67
CA VAL C 16 11.64 -3.28 9.81
C VAL C 16 12.94 -4.09 9.86
N LYS C 17 14.10 -3.49 9.58
CA LYS C 17 15.39 -4.22 9.68
C LYS C 17 15.76 -4.46 11.15
N HIS C 18 15.08 -3.81 12.10
CA HIS C 18 15.13 -4.23 13.53
C HIS C 18 14.51 -5.62 13.63
N LEU C 19 13.27 -5.79 13.17
CA LEU C 19 12.56 -7.10 13.12
C LEU C 19 13.42 -8.13 12.39
N LEU C 20 14.08 -7.73 11.31
CA LEU C 20 14.91 -8.65 10.50
C LEU C 20 16.07 -9.20 11.33
N GLU C 21 16.57 -8.44 12.31
CA GLU C 21 17.69 -8.86 13.19
C GLU C 21 17.19 -9.85 14.26
N LEU C 22 15.90 -9.83 14.56
CA LEU C 22 15.25 -10.82 15.46
C LEU C 22 15.41 -12.22 14.82
N TRP C 23 15.26 -12.30 13.50
CA TRP C 23 15.32 -13.55 12.69
C TRP C 23 16.78 -14.01 12.56
N ASP C 24 17.67 -13.12 12.14
CA ASP C 24 19.07 -13.44 11.74
C ASP C 24 20.02 -13.25 12.94
N LYS C 25 19.49 -13.27 14.16
CA LYS C 25 20.25 -13.45 15.42
C LYS C 25 19.43 -14.42 16.30
N ASN C 26 18.71 -15.35 15.64
CA ASN C 26 17.70 -16.31 16.18
C ASN C 26 17.08 -15.86 17.51
N LEU C 27 16.84 -14.56 17.69
CA LEU C 27 16.34 -13.95 18.96
C LEU C 27 14.85 -14.27 19.15
N LEU C 28 14.00 -14.10 18.15
CA LEU C 28 12.50 -14.16 18.31
C LEU C 28 12.05 -15.52 18.87
N ASN C 29 12.84 -16.58 18.66
CA ASN C 29 12.62 -17.88 19.34
C ASN C 29 12.77 -17.66 20.84
N THR C 30 13.69 -16.77 21.22
CA THR C 30 14.22 -16.55 22.60
C THR C 30 13.21 -15.80 23.48
N PHE C 31 12.18 -15.18 22.91
CA PHE C 31 11.25 -14.34 23.70
C PHE C 31 10.19 -15.23 24.33
N GLU C 32 9.79 -14.87 25.56
CA GLU C 32 8.58 -15.40 26.24
C GLU C 32 7.40 -15.39 25.23
N ILE C 33 6.76 -16.54 25.07
CA ILE C 33 5.53 -16.68 24.24
C ILE C 33 4.36 -16.16 25.08
N GLY C 34 3.26 -15.79 24.44
CA GLY C 34 1.91 -15.71 25.06
C GLY C 34 1.84 -14.88 26.32
N THR C 35 2.79 -13.98 26.58
CA THR C 35 2.81 -13.07 27.77
C THR C 35 3.25 -11.67 27.39
N PHE C 36 2.81 -10.67 28.15
CA PHE C 36 3.03 -9.24 27.83
C PHE C 36 4.52 -8.93 27.88
N LYS C 37 5.29 -9.67 28.68
CA LYS C 37 6.79 -9.59 28.69
C LYS C 37 7.33 -10.03 27.31
N GLY C 38 6.78 -11.11 26.74
CA GLY C 38 7.10 -11.55 25.37
C GLY C 38 6.79 -10.48 24.34
N LEU C 39 5.60 -9.86 24.44
CA LEU C 39 5.13 -8.79 23.52
C LEU C 39 5.99 -7.54 23.74
N SER C 40 6.43 -7.34 24.99
CA SER C 40 7.23 -6.17 25.42
C SER C 40 8.63 -6.28 24.81
N GLN C 41 9.24 -7.47 24.83
CA GLN C 41 10.59 -7.69 24.26
C GLN C 41 10.58 -7.43 22.75
N ILE C 42 9.47 -7.73 22.08
CA ILE C 42 9.36 -7.56 20.61
C ILE C 42 9.28 -6.07 20.33
N HIS C 43 8.30 -5.41 20.97
CA HIS C 43 8.05 -3.95 20.86
C HIS C 43 9.31 -3.18 21.26
N SER C 44 9.87 -3.55 22.41
CA SER C 44 11.14 -3.02 22.96
C SER C 44 12.25 -3.04 21.89
N TYR C 45 12.52 -4.20 21.31
CA TYR C 45 13.70 -4.41 20.43
C TYR C 45 13.45 -3.64 19.14
N MET C 46 12.21 -3.57 18.68
CA MET C 46 11.94 -3.28 17.26
C MET C 46 11.73 -1.78 17.07
N PHE C 47 11.25 -1.09 18.10
CA PHE C 47 11.24 0.39 18.19
C PHE C 47 12.42 0.85 19.05
N LYS C 48 13.50 0.06 19.07
CA LYS C 48 14.67 0.35 19.94
C LYS C 48 15.02 1.83 19.74
N ASP C 49 15.71 2.14 18.67
CA ASP C 49 16.37 3.45 18.51
C ASP C 49 15.29 4.53 18.40
N ILE C 50 14.10 4.19 17.87
CA ILE C 50 13.08 5.19 17.45
C ILE C 50 12.43 5.87 18.65
N PHE C 51 11.27 5.38 19.13
CA PHE C 51 10.64 5.84 20.38
C PHE C 51 11.60 5.45 21.52
N ASP C 52 11.43 6.02 22.72
CA ASP C 52 12.08 5.49 23.95
C ASP C 52 11.04 4.82 24.86
N PHE C 53 9.75 5.06 24.63
CA PHE C 53 8.64 4.34 25.32
C PHE C 53 8.63 3.00 24.58
N ASN C 54 9.70 2.20 24.74
CA ASN C 54 9.94 0.92 24.03
C ASN C 54 9.92 -0.12 25.16
N GLY C 55 8.99 -1.09 25.09
CA GLY C 55 8.75 -2.12 26.13
C GLY C 55 7.88 -1.60 27.27
N GLN C 56 7.90 -0.28 27.53
CA GLN C 56 7.25 0.38 28.71
C GLN C 56 5.75 0.56 28.43
N ILE C 57 4.92 0.17 29.38
CA ILE C 57 3.45 0.31 29.21
C ILE C 57 3.14 1.81 29.22
N ARG C 58 2.04 2.21 28.59
CA ARG C 58 1.68 3.64 28.71
C ARG C 58 1.37 3.91 30.18
N ASN C 59 1.57 5.15 30.62
CA ASN C 59 1.29 5.54 32.03
C ASN C 59 2.10 4.69 33.03
N VAL C 60 3.32 4.29 32.67
CA VAL C 60 4.20 3.57 33.65
C VAL C 60 5.40 4.47 33.97
N ASN C 61 5.77 5.34 33.03
CA ASN C 61 6.93 6.26 33.22
C ASN C 61 6.54 7.41 34.18
N ILE C 62 5.33 8.00 34.09
CA ILE C 62 4.80 9.10 34.97
C ILE C 62 5.06 8.85 36.46
N SER C 63 5.11 7.58 36.90
CA SER C 63 5.38 7.21 38.32
C SER C 63 4.96 8.32 39.28
N LYS C 64 5.91 9.18 39.69
CA LYS C 64 5.61 10.32 40.59
C LYS C 64 4.40 11.10 40.04
N CYS C 70 0.98 11.21 40.26
CA CYS C 70 0.22 10.21 41.06
C CYS C 70 -0.55 9.25 40.16
N LEU C 71 -1.53 9.79 39.41
CA LEU C 71 -2.64 9.11 38.67
C LEU C 71 -3.60 8.44 39.67
N ALA C 72 -3.87 7.15 39.46
CA ALA C 72 -4.80 6.34 40.27
C ALA C 72 -4.88 4.95 39.64
N ARG C 73 -5.30 4.87 38.37
CA ARG C 73 -5.58 3.55 37.77
C ARG C 73 -4.41 2.95 36.99
N TYR C 74 -4.53 1.66 36.66
CA TYR C 74 -3.45 0.95 35.91
C TYR C 74 -4.08 -0.13 35.03
N LEU C 75 -3.54 -0.30 33.82
CA LEU C 75 -4.04 -1.33 32.88
C LEU C 75 -3.20 -2.59 33.08
N LYS C 76 -2.23 -2.55 34.00
CA LYS C 76 -1.43 -3.77 34.32
C LYS C 76 -2.42 -4.83 34.82
N GLN C 77 -3.53 -4.37 35.41
CA GLN C 77 -4.58 -5.32 35.82
C GLN C 77 -5.03 -6.12 34.62
N ASN C 78 -5.44 -5.47 33.52
CA ASN C 78 -6.04 -6.26 32.42
C ASN C 78 -4.91 -7.12 31.86
N LEU C 79 -3.66 -6.65 31.97
CA LEU C 79 -2.49 -7.30 31.32
C LEU C 79 -2.21 -8.68 31.93
N GLU C 80 -2.19 -8.80 33.25
CA GLU C 80 -2.07 -10.09 33.99
C GLU C 80 -3.26 -10.96 33.58
N ILE C 81 -4.46 -10.43 33.74
CA ILE C 81 -5.73 -11.10 33.32
C ILE C 81 -5.45 -11.78 31.98
N ILE C 82 -4.93 -11.04 31.01
CA ILE C 82 -4.65 -11.55 29.63
C ILE C 82 -3.56 -12.62 29.67
N ASP C 83 -2.51 -12.39 30.45
CA ASP C 83 -1.38 -13.35 30.60
C ASP C 83 -1.88 -14.63 31.27
N ASN C 84 -3.00 -14.57 31.99
CA ASN C 84 -3.58 -15.69 32.78
C ASN C 84 -4.56 -16.48 31.92
N MET C 85 -4.71 -16.12 30.65
CA MET C 85 -5.55 -16.86 29.69
C MET C 85 -4.75 -18.04 29.16
N LYS C 86 -5.44 -19.12 28.77
CA LYS C 86 -4.81 -20.32 28.16
C LYS C 86 -4.53 -20.00 26.69
N HIS C 87 -3.68 -20.79 26.04
CA HIS C 87 -3.26 -20.61 24.63
C HIS C 87 -2.80 -21.91 23.97
N ASP C 88 -3.38 -23.04 24.40
CA ASP C 88 -3.17 -24.42 23.88
C ASP C 88 -3.83 -24.56 22.50
N THR C 89 -5.17 -24.50 22.45
CA THR C 89 -5.99 -24.62 21.21
C THR C 89 -5.83 -23.33 20.40
N PHE C 90 -6.05 -23.40 19.08
CA PHE C 90 -6.15 -22.25 18.16
C PHE C 90 -7.16 -21.22 18.70
N ASP C 91 -8.34 -21.67 19.13
CA ASP C 91 -9.46 -20.80 19.56
C ASP C 91 -9.12 -20.10 20.89
N GLN C 92 -8.08 -20.53 21.60
CA GLN C 92 -7.65 -19.91 22.89
C GLN C 92 -6.61 -18.84 22.61
N ILE C 93 -5.79 -19.06 21.58
CA ILE C 93 -4.69 -18.17 21.10
C ILE C 93 -5.33 -16.93 20.50
N ILE C 94 -6.03 -17.09 19.37
CA ILE C 94 -6.85 -16.01 18.75
C ILE C 94 -7.59 -15.31 19.90
N ASP C 95 -8.25 -16.06 20.77
CA ASP C 95 -8.96 -15.45 21.91
C ASP C 95 -8.00 -14.49 22.62
N LYS C 96 -6.79 -14.96 22.97
CA LYS C 96 -5.76 -14.14 23.64
C LYS C 96 -5.44 -12.93 22.77
N TYR C 97 -4.89 -13.20 21.58
CA TYR C 97 -4.50 -12.17 20.56
C TYR C 97 -5.56 -11.05 20.52
N VAL C 98 -6.83 -11.40 20.38
CA VAL C 98 -7.92 -10.39 20.29
C VAL C 98 -7.84 -9.48 21.52
N GLU C 99 -7.68 -10.08 22.70
CA GLU C 99 -7.86 -9.37 23.99
C GLU C 99 -6.62 -8.54 24.31
N MET C 100 -5.45 -8.89 23.76
CA MET C 100 -4.15 -8.18 23.96
C MET C 100 -4.13 -6.90 23.11
N ASN C 101 -4.91 -6.94 22.04
CA ASN C 101 -4.99 -5.87 21.03
C ASN C 101 -6.09 -4.89 21.46
N ILE C 102 -7.02 -5.33 22.32
CA ILE C 102 -8.11 -4.49 22.92
C ILE C 102 -7.58 -3.77 24.16
N CYS C 103 -6.53 -4.31 24.76
CA CYS C 103 -5.74 -3.62 25.80
C CYS C 103 -5.22 -2.36 25.15
N HIS C 104 -4.30 -2.60 24.20
CA HIS C 104 -3.39 -1.61 23.59
C HIS C 104 -2.44 -1.07 24.65
N PRO C 105 -1.57 -1.93 25.21
CA PRO C 105 -0.60 -1.49 26.21
C PRO C 105 0.27 -0.31 25.73
N PHE C 106 0.80 -0.42 24.52
CA PHE C 106 1.83 0.52 23.99
C PHE C 106 1.13 1.75 23.44
N ARG C 107 1.88 2.82 23.20
CA ARG C 107 1.37 4.12 22.71
C ARG C 107 1.34 4.10 21.18
N GLU C 108 2.51 3.89 20.58
CA GLU C 108 2.67 3.50 19.16
C GLU C 108 3.38 2.14 19.19
N GLY C 109 3.38 1.41 18.08
CA GLY C 109 3.78 0.00 18.01
C GLY C 109 2.57 -0.89 18.14
N ASN C 110 1.43 -0.27 18.45
CA ASN C 110 0.05 -0.79 18.22
C ASN C 110 0.18 -2.31 18.29
N GLY C 111 -0.13 -2.97 17.17
CA GLY C 111 -0.09 -4.42 16.97
C GLY C 111 0.63 -4.79 15.69
N ARG C 112 1.63 -4.01 15.28
CA ARG C 112 2.72 -4.51 14.41
C ARG C 112 3.52 -5.54 15.22
N SER C 113 3.68 -5.26 16.52
CA SER C 113 4.35 -6.13 17.52
C SER C 113 3.49 -7.38 17.71
N MET C 114 2.20 -7.17 17.92
CA MET C 114 1.17 -8.21 18.18
C MET C 114 1.12 -9.26 17.06
N ARG C 115 1.28 -8.84 15.80
CA ARG C 115 1.20 -9.72 14.59
C ARG C 115 2.52 -10.47 14.40
N ILE C 116 3.48 -10.26 15.31
CA ILE C 116 4.73 -11.06 15.41
C ILE C 116 4.59 -11.94 16.65
N TRP C 117 4.22 -11.34 17.78
CA TRP C 117 3.90 -12.05 19.03
C TRP C 117 2.86 -13.16 18.78
N LEU C 118 2.06 -13.04 17.72
CA LEU C 118 1.01 -14.02 17.36
C LEU C 118 1.64 -15.17 16.58
N ASP C 119 2.26 -14.83 15.44
CA ASP C 119 2.99 -15.78 14.58
C ASP C 119 3.87 -16.68 15.46
N LEU C 120 4.48 -16.14 16.53
CA LEU C 120 5.33 -16.90 17.48
C LEU C 120 4.46 -17.82 18.36
N ILE C 121 3.24 -17.42 18.74
CA ILE C 121 2.32 -18.28 19.56
C ILE C 121 1.85 -19.47 18.72
N LEU C 122 1.35 -19.25 17.50
CA LEU C 122 0.94 -20.34 16.57
C LEU C 122 2.13 -21.27 16.33
N LYS C 123 3.36 -20.74 16.37
CA LYS C 123 4.63 -21.42 15.96
C LYS C 123 5.13 -22.40 17.02
N LYS C 124 4.89 -22.15 18.30
CA LYS C 124 5.31 -23.07 19.38
C LYS C 124 4.09 -23.75 20.00
N GLN C 125 2.88 -23.53 19.49
CA GLN C 125 1.68 -24.15 20.12
C GLN C 125 1.06 -25.14 19.15
N LEU C 126 0.94 -24.75 17.88
CA LEU C 126 0.27 -25.53 16.80
C LEU C 126 1.22 -25.61 15.61
N ASN C 127 2.50 -25.33 15.82
CA ASN C 127 3.55 -25.56 14.79
C ASN C 127 3.14 -24.91 13.46
N VAL C 128 2.44 -23.77 13.49
CA VAL C 128 2.06 -22.99 12.27
C VAL C 128 2.35 -21.49 12.47
N VAL C 129 2.29 -20.75 11.36
CA VAL C 129 2.27 -19.27 11.30
C VAL C 129 1.16 -18.86 10.34
N VAL C 130 0.71 -17.61 10.40
CA VAL C 130 -0.25 -17.03 9.43
C VAL C 130 0.51 -16.73 8.13
N ASN C 131 0.03 -17.23 6.98
CA ASN C 131 0.49 -16.79 5.64
C ASN C 131 -0.33 -15.56 5.24
N TRP C 132 0.06 -14.40 5.76
CA TRP C 132 -0.70 -13.13 5.63
C TRP C 132 -0.84 -12.72 4.16
N THR C 133 0.00 -13.25 3.27
CA THR C 133 0.12 -12.75 1.87
C THR C 133 -1.25 -12.90 1.19
N ASN C 134 -2.03 -13.90 1.66
CA ASN C 134 -3.35 -14.33 1.13
C ASN C 134 -4.46 -13.75 1.99
N ILE C 135 -4.13 -12.81 2.90
CA ILE C 135 -5.09 -12.02 3.74
C ILE C 135 -4.93 -10.56 3.33
N ASN C 136 -5.57 -10.19 2.22
CA ASN C 136 -5.47 -8.82 1.65
C ASN C 136 -6.19 -7.96 2.68
N LYS C 137 -5.67 -6.76 2.94
CA LYS C 137 -6.12 -5.83 4.01
C LYS C 137 -7.60 -5.76 4.37
N ASP C 138 -8.45 -5.56 3.37
CA ASP C 138 -9.92 -5.44 3.61
C ASP C 138 -10.40 -6.45 4.65
N GLU C 139 -10.10 -7.74 4.43
CA GLU C 139 -10.56 -8.80 5.37
C GLU C 139 -9.98 -8.55 6.77
N TYR C 140 -8.66 -8.58 6.91
CA TYR C 140 -8.00 -8.45 8.24
C TYR C 140 -8.60 -7.35 9.10
N LEU C 141 -8.68 -6.14 8.57
CA LEU C 141 -9.16 -4.97 9.35
C LEU C 141 -10.61 -5.22 9.75
N LEU C 142 -11.44 -5.61 8.79
CA LEU C 142 -12.85 -5.98 9.07
C LEU C 142 -12.91 -7.10 10.12
N ALA C 143 -12.16 -8.17 9.92
CA ALA C 143 -12.07 -9.33 10.84
C ALA C 143 -11.88 -8.85 12.29
N MET C 144 -10.98 -7.89 12.49
CA MET C 144 -10.54 -7.39 13.81
C MET C 144 -11.60 -6.44 14.36
N ILE C 145 -12.22 -5.62 13.50
CA ILE C 145 -13.21 -4.62 13.95
C ILE C 145 -14.37 -5.43 14.52
N ASN C 146 -14.69 -6.55 13.86
CA ASN C 146 -15.68 -7.53 14.39
C ASN C 146 -15.14 -8.08 15.71
N SER C 147 -13.86 -8.46 15.75
CA SER C 147 -13.24 -9.15 16.92
C SER C 147 -13.70 -8.54 18.26
N LEU C 148 -13.88 -7.22 18.36
CA LEU C 148 -14.13 -6.61 19.69
C LEU C 148 -15.59 -6.85 20.13
N ILE C 149 -16.38 -7.58 19.36
CA ILE C 149 -17.68 -8.12 19.85
C ILE C 149 -17.79 -9.62 19.55
N ASP C 150 -17.44 -10.05 18.32
CA ASP C 150 -17.51 -11.46 17.84
C ASP C 150 -16.24 -11.84 17.06
N SER C 151 -15.41 -12.74 17.62
CA SER C 151 -14.08 -13.12 17.07
C SER C 151 -14.16 -14.20 15.98
N THR C 152 -15.36 -14.68 15.63
CA THR C 152 -15.59 -15.76 14.63
C THR C 152 -14.86 -15.43 13.34
N ASN C 153 -15.09 -14.23 12.84
CA ASN C 153 -14.62 -13.83 11.49
C ASN C 153 -13.11 -14.02 11.45
N LEU C 154 -12.41 -13.55 12.49
CA LEU C 154 -10.94 -13.58 12.60
C LEU C 154 -10.42 -15.03 12.77
N LYS C 155 -11.13 -15.91 13.48
CA LYS C 155 -10.73 -17.34 13.58
C LYS C 155 -10.91 -17.98 12.21
N LEU C 156 -12.13 -17.93 11.70
CA LEU C 156 -12.51 -18.43 10.36
C LEU C 156 -11.53 -17.87 9.32
N LEU C 157 -10.97 -16.66 9.50
CA LEU C 157 -10.04 -15.99 8.52
C LEU C 157 -8.64 -16.58 8.64
N ILE C 158 -8.12 -16.71 9.86
CA ILE C 158 -6.69 -17.03 10.09
C ILE C 158 -6.49 -18.55 9.98
N LYS C 159 -7.52 -19.33 10.41
CA LYS C 159 -7.62 -20.81 10.23
C LYS C 159 -7.34 -21.15 8.76
N ASN C 160 -7.91 -20.40 7.83
CA ASN C 160 -7.83 -20.65 6.37
C ASN C 160 -6.54 -20.08 5.76
N ASN C 161 -5.64 -19.50 6.56
CA ASN C 161 -4.41 -18.89 6.01
C ASN C 161 -3.21 -19.24 6.89
N LEU C 162 -3.21 -20.45 7.43
CA LEU C 162 -2.05 -21.01 8.16
C LEU C 162 -1.11 -21.71 7.14
N THR C 163 0.19 -21.46 7.28
CA THR C 163 1.27 -22.31 6.72
C THR C 163 1.92 -23.06 7.88
N ASN C 164 2.54 -24.20 7.58
CA ASN C 164 3.46 -24.93 8.48
C ASN C 164 4.90 -24.62 8.06
N LYS C 165 5.11 -23.71 7.09
CA LYS C 165 6.45 -23.21 6.66
C LYS C 165 6.99 -22.24 7.73
N ILE C 166 7.20 -22.73 8.97
CA ILE C 166 7.40 -21.92 10.20
C ILE C 166 8.89 -21.64 10.41
N THR C 167 9.74 -21.91 9.42
CA THR C 167 11.20 -21.60 9.49
C THR C 167 11.70 -20.97 8.17
N ASP C 168 10.85 -20.84 7.15
CA ASP C 168 11.24 -20.20 5.86
C ASP C 168 11.41 -18.69 6.09
N ARG C 169 12.57 -18.16 5.76
CA ARG C 169 12.88 -16.74 5.99
C ARG C 169 11.83 -15.91 5.26
N ASN C 170 11.76 -16.04 3.94
CA ASN C 170 10.91 -15.16 3.10
C ASN C 170 9.51 -15.10 3.69
N VAL C 171 8.98 -16.20 4.22
CA VAL C 171 7.60 -16.28 4.80
C VAL C 171 7.50 -15.15 5.83
N TYR C 172 8.47 -15.10 6.74
CA TYR C 172 8.64 -14.08 7.80
C TYR C 172 8.74 -12.67 7.20
N ILE C 173 9.55 -12.51 6.15
CA ILE C 173 9.65 -11.28 5.31
C ILE C 173 8.27 -10.90 4.77
N LYS C 174 7.52 -11.86 4.22
CA LYS C 174 6.19 -11.56 3.65
C LYS C 174 5.25 -11.25 4.82
N SER C 175 5.51 -11.76 6.04
CA SER C 175 4.81 -11.37 7.29
C SER C 175 5.00 -9.87 7.52
N ILE C 176 6.27 -9.45 7.61
CA ILE C 176 6.68 -8.04 7.81
C ILE C 176 5.96 -7.15 6.82
N ILE C 177 5.99 -7.50 5.52
CA ILE C 177 5.50 -6.62 4.41
C ILE C 177 3.99 -6.37 4.57
N LYS C 178 3.18 -7.42 4.78
CA LYS C 178 1.70 -7.27 4.91
C LYS C 178 1.40 -6.60 6.25
N SER C 179 2.19 -6.88 7.30
CA SER C 179 1.92 -6.35 8.66
C SER C 179 1.98 -4.83 8.62
N TYR C 180 3.05 -4.30 8.02
CA TYR C 180 3.22 -2.85 7.74
C TYR C 180 2.07 -2.40 6.83
N GLU C 181 1.86 -3.09 5.72
CA GLU C 181 0.76 -2.77 4.76
C GLU C 181 -0.57 -2.58 5.50
N TYR C 182 -0.86 -3.39 6.50
CA TYR C 182 -2.12 -3.31 7.28
C TYR C 182 -2.13 -1.95 8.01
N GLU C 183 -1.03 -1.54 8.65
CA GLU C 183 -0.92 -0.20 9.29
C GLU C 183 -0.87 0.85 8.18
N GLY C 184 -0.46 0.48 6.97
CA GLY C 184 -0.49 1.41 5.84
C GLY C 184 0.86 2.08 5.63
N PHE C 185 1.91 1.28 5.41
CA PHE C 185 3.29 1.83 5.29
C PHE C 185 3.89 1.40 3.96
N LYS C 186 3.33 0.38 3.30
CA LYS C 186 3.83 -0.13 1.98
C LYS C 186 5.23 -0.73 2.13
N ILE C 187 6.29 0.08 2.12
CA ILE C 187 7.73 -0.37 2.23
C ILE C 187 8.18 -1.24 1.05
N ASN C 188 9.48 -1.52 0.96
CA ASN C 188 10.02 -2.36 -0.14
C ASN C 188 10.34 -3.75 0.42
N ILE C 189 10.55 -4.74 -0.46
CA ILE C 189 10.90 -6.13 -0.04
C ILE C 189 12.41 -6.21 0.22
N LYS C 190 12.96 -7.42 0.27
CA LYS C 190 14.44 -7.55 0.42
C LYS C 190 15.12 -6.88 -0.78
N GLU D 7 29.74 28.74 15.25
CA GLU D 7 31.07 29.23 15.71
C GLU D 7 32.13 28.14 15.52
N GLU D 8 32.05 27.36 14.42
CA GLU D 8 32.79 26.08 14.20
C GLU D 8 33.64 26.07 12.92
N GLU D 9 33.13 25.48 11.82
CA GLU D 9 33.69 25.50 10.43
C GLU D 9 35.18 25.09 10.44
N PHE D 10 35.93 25.39 9.38
CA PHE D 10 37.41 25.23 9.30
C PHE D 10 37.95 23.79 9.32
N GLU D 11 37.49 22.97 10.28
CA GLU D 11 37.83 21.54 10.56
C GLU D 11 37.58 20.70 9.30
N ILE D 12 36.65 21.09 8.42
CA ILE D 12 36.33 20.42 7.12
C ILE D 12 37.47 20.67 6.12
N ASN D 13 37.84 21.93 5.94
CA ASN D 13 39.08 22.39 5.26
C ASN D 13 40.23 21.41 5.60
N LEU D 14 40.53 21.21 6.90
CA LEU D 14 41.70 20.45 7.44
C LEU D 14 41.65 18.98 7.00
N SER D 15 40.46 18.37 7.02
CA SER D 15 40.20 16.95 6.67
C SER D 15 40.28 16.76 5.15
N VAL D 16 39.78 17.74 4.38
CA VAL D 16 39.92 17.79 2.89
C VAL D 16 41.41 17.92 2.54
N LYS D 17 42.23 18.45 3.46
CA LYS D 17 43.70 18.60 3.30
C LYS D 17 44.37 17.22 3.38
N HIS D 18 43.99 16.41 4.37
CA HIS D 18 44.46 15.00 4.54
C HIS D 18 44.10 14.20 3.30
N LEU D 19 43.04 14.58 2.58
CA LEU D 19 42.48 13.82 1.43
C LEU D 19 43.27 14.15 0.15
N LEU D 20 43.47 15.43 -0.16
CA LEU D 20 44.39 15.88 -1.25
C LEU D 20 45.72 15.14 -1.12
N GLU D 21 46.29 15.16 0.10
CA GLU D 21 47.58 14.51 0.46
C GLU D 21 47.51 12.98 0.22
N LEU D 22 46.39 12.33 0.55
CA LEU D 22 46.28 10.84 0.54
C LEU D 22 46.29 10.27 -0.89
N TRP D 23 45.94 11.08 -1.90
CA TRP D 23 45.99 10.70 -3.35
C TRP D 23 47.30 11.18 -3.99
N ASP D 24 47.92 12.21 -3.42
CA ASP D 24 49.17 12.87 -3.87
C ASP D 24 50.39 12.10 -3.34
N LYS D 25 50.42 11.76 -2.04
CA LYS D 25 51.45 10.88 -1.39
C LYS D 25 51.18 9.40 -1.71
N ASN D 26 50.22 9.09 -2.58
CA ASN D 26 49.99 7.76 -3.22
C ASN D 26 49.66 6.68 -2.17
N LEU D 27 49.16 7.06 -0.99
CA LEU D 27 49.01 6.17 0.19
C LEU D 27 47.66 5.41 0.15
N LEU D 28 46.75 5.69 -0.80
CA LEU D 28 45.44 4.99 -0.91
C LEU D 28 45.69 3.55 -1.35
N ASN D 29 46.57 3.37 -2.34
CA ASN D 29 46.87 2.08 -2.99
C ASN D 29 47.63 1.14 -2.04
N THR D 30 47.99 1.61 -0.82
CA THR D 30 48.78 0.87 0.21
C THR D 30 47.91 0.39 1.39
N PHE D 31 46.65 0.81 1.50
CA PHE D 31 45.71 0.45 2.60
C PHE D 31 45.06 -0.90 2.32
N GLU D 32 44.69 -1.63 3.38
CA GLU D 32 44.01 -2.95 3.23
C GLU D 32 42.66 -2.72 2.55
N ILE D 33 42.33 -3.59 1.59
CA ILE D 33 41.08 -3.53 0.78
C ILE D 33 40.10 -4.56 1.36
N GLY D 34 38.83 -4.17 1.50
CA GLY D 34 37.72 -5.07 1.85
C GLY D 34 37.74 -5.52 3.31
N THR D 35 38.43 -4.78 4.18
CA THR D 35 38.51 -5.10 5.64
C THR D 35 38.35 -3.85 6.50
N PHE D 36 37.99 -4.04 7.76
CA PHE D 36 37.85 -2.96 8.77
C PHE D 36 39.20 -2.25 8.91
N LYS D 37 40.25 -3.03 9.20
CA LYS D 37 41.67 -2.56 9.25
C LYS D 37 41.88 -1.54 8.13
N GLY D 38 41.51 -1.90 6.90
CA GLY D 38 41.52 -1.02 5.72
C GLY D 38 40.82 0.31 5.92
N LEU D 39 39.52 0.28 6.23
CA LEU D 39 38.68 1.49 6.46
C LEU D 39 39.29 2.23 7.66
N SER D 40 39.64 1.49 8.72
CA SER D 40 40.21 2.01 10.00
C SER D 40 41.43 2.91 9.70
N GLN D 41 42.20 2.58 8.66
CA GLN D 41 43.42 3.31 8.23
C GLN D 41 43.06 4.49 7.32
N ILE D 42 41.81 4.56 6.85
CA ILE D 42 41.33 5.68 5.99
C ILE D 42 40.69 6.75 6.89
N HIS D 43 39.96 6.35 7.93
CA HIS D 43 39.37 7.23 8.97
C HIS D 43 40.53 7.92 9.72
N SER D 44 41.51 7.11 10.15
CA SER D 44 42.68 7.49 10.99
C SER D 44 43.46 8.65 10.36
N TYR D 45 43.77 8.54 9.06
CA TYR D 45 44.54 9.55 8.28
C TYR D 45 43.70 10.83 8.13
N MET D 46 42.38 10.66 8.03
CA MET D 46 41.38 11.66 7.56
C MET D 46 41.03 12.65 8.69
N PHE D 47 40.62 12.14 9.87
CA PHE D 47 40.21 12.94 11.05
C PHE D 47 41.34 12.96 12.09
N LYS D 48 42.60 13.03 11.66
CA LYS D 48 43.77 12.82 12.57
C LYS D 48 43.94 14.03 13.50
N ASP D 49 44.05 15.23 12.92
CA ASP D 49 44.29 16.51 13.65
C ASP D 49 42.95 17.13 14.04
N ILE D 50 41.86 16.36 13.91
CA ILE D 50 40.47 16.78 14.27
C ILE D 50 39.97 16.01 15.51
N PHE D 51 39.42 14.80 15.32
CA PHE D 51 38.76 13.98 16.37
C PHE D 51 39.83 13.19 17.12
N ASP D 52 39.52 12.79 18.34
CA ASP D 52 40.43 12.04 19.24
C ASP D 52 40.24 10.54 18.99
N PHE D 53 39.23 10.14 18.19
CA PHE D 53 38.80 8.72 17.99
C PHE D 53 39.00 8.28 16.52
N ASN D 54 39.95 8.88 15.80
CA ASN D 54 40.18 8.61 14.35
C ASN D 54 40.81 7.22 14.18
N GLY D 55 40.03 6.25 13.70
CA GLY D 55 40.40 4.83 13.55
C GLY D 55 39.83 3.98 14.67
N GLN D 56 39.07 4.59 15.59
CA GLN D 56 38.66 4.03 16.91
C GLN D 56 37.16 3.71 16.92
N ILE D 57 36.84 2.42 17.06
CA ILE D 57 35.49 1.84 17.38
C ILE D 57 34.78 2.53 18.56
N ARG D 58 33.47 2.79 18.41
CA ARG D 58 32.62 3.43 19.45
C ARG D 58 32.22 2.54 20.64
N ASN D 59 32.17 3.13 21.84
CA ASN D 59 31.93 2.41 23.12
C ASN D 59 30.48 2.61 23.60
N VAL D 60 29.73 3.59 23.08
CA VAL D 60 28.29 3.82 23.41
C VAL D 60 27.42 3.55 22.17
N ARG D 73 29.94 -3.27 21.65
CA ARG D 73 30.11 -4.46 22.53
C ARG D 73 30.11 -5.75 21.67
N TYR D 74 28.97 -6.13 21.09
CA TYR D 74 28.82 -7.31 20.18
C TYR D 74 29.23 -6.91 18.75
N LEU D 75 29.79 -5.71 18.60
CA LEU D 75 30.06 -5.07 17.28
C LEU D 75 31.44 -5.50 16.80
N LYS D 76 32.37 -5.72 17.73
CA LYS D 76 33.70 -6.31 17.44
C LYS D 76 33.43 -7.62 16.67
N GLN D 77 32.42 -8.37 17.12
CA GLN D 77 31.93 -9.58 16.42
C GLN D 77 31.43 -9.20 15.01
N ASN D 78 30.44 -8.30 14.93
CA ASN D 78 29.75 -7.93 13.66
C ASN D 78 30.78 -7.46 12.61
N LEU D 79 31.93 -6.92 13.04
CA LEU D 79 32.97 -6.35 12.14
C LEU D 79 33.76 -7.47 11.46
N GLU D 80 34.01 -8.58 12.17
CA GLU D 80 34.60 -9.80 11.55
C GLU D 80 33.66 -10.26 10.42
N ILE D 81 32.39 -10.55 10.76
CA ILE D 81 31.35 -11.13 9.85
C ILE D 81 31.20 -10.25 8.60
N ILE D 82 31.55 -8.97 8.66
CA ILE D 82 31.63 -8.08 7.47
C ILE D 82 32.90 -8.42 6.69
N ASP D 83 34.06 -8.46 7.37
CA ASP D 83 35.39 -8.81 6.79
C ASP D 83 35.39 -10.24 6.27
N ASN D 84 34.48 -11.08 6.78
CA ASN D 84 34.29 -12.51 6.43
C ASN D 84 33.66 -12.62 5.04
N MET D 85 32.73 -11.72 4.72
CA MET D 85 32.00 -11.70 3.42
C MET D 85 33.00 -11.48 2.28
N LYS D 86 32.93 -12.29 1.21
CA LYS D 86 33.74 -12.13 -0.02
C LYS D 86 33.46 -10.74 -0.64
N HIS D 87 34.29 -10.33 -1.60
CA HIS D 87 34.20 -9.03 -2.32
C HIS D 87 34.84 -9.18 -3.71
N ASP D 88 34.34 -10.16 -4.46
CA ASP D 88 34.86 -10.61 -5.79
C ASP D 88 34.02 -9.89 -6.88
N THR D 89 32.70 -10.16 -6.92
CA THR D 89 31.73 -9.66 -7.95
C THR D 89 31.16 -8.30 -7.53
N PHE D 90 30.45 -7.62 -8.44
CA PHE D 90 29.82 -6.29 -8.19
C PHE D 90 28.91 -6.36 -6.97
N ASP D 91 27.98 -7.32 -6.94
CA ASP D 91 26.92 -7.48 -5.90
C ASP D 91 27.57 -7.62 -4.53
N GLN D 92 28.61 -8.46 -4.41
CA GLN D 92 29.32 -8.74 -3.13
C GLN D 92 29.95 -7.45 -2.58
N ILE D 93 30.36 -6.52 -3.44
CA ILE D 93 31.10 -5.27 -3.07
C ILE D 93 30.13 -4.29 -2.42
N ILE D 94 28.95 -4.16 -3.01
CA ILE D 94 27.84 -3.29 -2.55
C ILE D 94 27.31 -3.88 -1.23
N ASP D 95 26.91 -5.15 -1.24
CA ASP D 95 26.31 -5.91 -0.09
C ASP D 95 27.21 -5.80 1.16
N LYS D 96 28.53 -5.76 0.94
CA LYS D 96 29.54 -5.48 1.99
C LYS D 96 29.41 -4.00 2.37
N TYR D 97 29.40 -3.11 1.37
CA TYR D 97 29.29 -1.63 1.55
C TYR D 97 28.03 -1.25 2.35
N VAL D 98 26.90 -1.91 2.08
CA VAL D 98 25.62 -1.70 2.84
C VAL D 98 25.82 -2.18 4.27
N GLU D 99 26.16 -3.46 4.42
CA GLU D 99 26.32 -4.13 5.74
C GLU D 99 27.37 -3.36 6.55
N MET D 100 28.45 -2.90 5.93
CA MET D 100 29.48 -2.10 6.65
C MET D 100 28.81 -0.83 7.16
N ASN D 101 28.21 -0.06 6.23
CA ASN D 101 27.57 1.25 6.53
C ASN D 101 26.49 1.07 7.59
N ILE D 102 25.71 -0.02 7.52
CA ILE D 102 24.66 -0.35 8.52
C ILE D 102 25.34 -0.49 9.90
N CYS D 103 26.56 -1.00 9.96
CA CYS D 103 27.28 -1.22 11.24
C CYS D 103 27.80 0.12 11.81
N HIS D 104 27.97 1.15 10.97
CA HIS D 104 28.33 2.54 11.38
C HIS D 104 29.37 2.48 12.50
N PRO D 105 30.61 2.01 12.20
CA PRO D 105 31.54 1.57 13.23
C PRO D 105 32.06 2.72 14.11
N PHE D 106 32.38 3.87 13.52
CA PHE D 106 32.89 5.08 14.22
C PHE D 106 31.70 5.93 14.67
N ARG D 107 31.86 6.69 15.77
CA ARG D 107 30.84 7.63 16.32
C ARG D 107 30.45 8.82 15.43
N GLU D 108 31.43 9.69 15.15
CA GLU D 108 31.22 10.77 14.16
C GLU D 108 32.21 10.33 13.09
N GLY D 109 32.23 10.96 11.93
CA GLY D 109 33.09 10.45 10.86
C GLY D 109 32.29 9.45 10.06
N ASN D 110 31.42 8.69 10.74
CA ASN D 110 30.48 7.80 10.05
C ASN D 110 31.17 6.99 8.97
N GLY D 111 30.74 7.23 7.72
CA GLY D 111 31.30 6.50 6.57
C GLY D 111 31.58 7.44 5.43
N ARG D 112 32.08 8.64 5.72
CA ARG D 112 32.52 9.51 4.60
C ARG D 112 33.72 8.76 4.04
N SER D 113 34.50 8.13 4.93
CA SER D 113 35.66 7.32 4.50
C SER D 113 35.15 6.06 3.78
N MET D 114 34.03 5.50 4.23
CA MET D 114 33.46 4.29 3.59
C MET D 114 33.31 4.45 2.08
N ARG D 115 32.89 5.61 1.59
CA ARG D 115 32.67 5.86 0.15
C ARG D 115 34.03 5.93 -0.57
N ILE D 116 35.05 6.46 0.10
CA ILE D 116 36.46 6.33 -0.35
C ILE D 116 36.78 4.82 -0.36
N TRP D 117 36.81 4.20 0.82
CA TRP D 117 37.04 2.75 1.04
C TRP D 117 36.28 1.90 0.01
N LEU D 118 35.16 2.40 -0.53
CA LEU D 118 34.36 1.71 -1.58
C LEU D 118 34.99 1.93 -2.97
N ASP D 119 35.51 3.14 -3.25
CA ASP D 119 36.16 3.48 -4.55
C ASP D 119 37.55 2.82 -4.63
N LEU D 120 38.05 2.26 -3.53
CA LEU D 120 39.22 1.35 -3.51
C LEU D 120 38.77 -0.05 -3.97
N ILE D 121 37.80 -0.63 -3.25
CA ILE D 121 37.29 -2.03 -3.42
C ILE D 121 36.75 -2.24 -4.86
N LEU D 122 36.28 -1.19 -5.53
CA LEU D 122 35.86 -1.26 -6.95
C LEU D 122 37.10 -1.12 -7.84
N LYS D 123 37.94 -0.10 -7.59
CA LYS D 123 39.18 0.19 -8.35
C LYS D 123 40.01 -1.09 -8.48
N LYS D 124 40.31 -1.72 -7.35
CA LYS D 124 41.09 -2.98 -7.26
C LYS D 124 40.39 -4.07 -8.09
N GLN D 125 39.16 -4.44 -7.70
CA GLN D 125 38.47 -5.69 -8.12
C GLN D 125 37.88 -5.61 -9.53
N LEU D 126 37.29 -4.47 -9.93
CA LEU D 126 36.46 -4.39 -11.16
C LEU D 126 36.91 -3.24 -12.09
N ASN D 127 38.07 -2.62 -11.82
CA ASN D 127 38.74 -1.66 -12.73
C ASN D 127 37.89 -0.38 -12.89
N VAL D 128 37.27 0.10 -11.80
CA VAL D 128 36.29 1.23 -11.83
C VAL D 128 36.27 1.99 -10.49
N VAL D 129 35.64 3.16 -10.48
CA VAL D 129 35.24 3.94 -9.26
C VAL D 129 33.89 4.63 -9.54
N VAL D 130 33.23 5.13 -8.50
CA VAL D 130 31.87 5.72 -8.59
C VAL D 130 31.99 7.19 -9.00
N ASN D 131 31.22 7.55 -10.01
CA ASN D 131 31.08 8.92 -10.56
C ASN D 131 30.02 9.70 -9.77
N TRP D 132 30.34 10.08 -8.54
CA TRP D 132 29.37 10.58 -7.53
C TRP D 132 28.74 11.93 -7.93
N THR D 133 29.16 12.53 -9.04
CA THR D 133 28.61 13.81 -9.55
C THR D 133 27.26 13.54 -10.22
N ASN D 134 27.17 12.43 -10.96
CA ASN D 134 25.92 11.93 -11.58
C ASN D 134 24.88 11.54 -10.52
N ILE D 135 25.32 11.28 -9.29
CA ILE D 135 24.43 10.79 -8.19
C ILE D 135 24.01 11.98 -7.31
N ASN D 136 22.90 12.60 -7.72
CA ASN D 136 22.09 13.60 -6.96
C ASN D 136 21.91 13.14 -5.50
N LYS D 137 21.85 14.09 -4.55
CA LYS D 137 21.87 13.84 -3.08
C LYS D 137 20.63 13.07 -2.61
N ASP D 138 19.45 13.56 -2.99
CA ASP D 138 18.14 12.95 -2.65
C ASP D 138 18.07 11.47 -3.06
N GLU D 139 18.21 11.22 -4.37
CA GLU D 139 18.35 9.88 -4.99
C GLU D 139 19.21 8.98 -4.12
N TYR D 140 20.42 9.44 -3.75
CA TYR D 140 21.41 8.70 -2.93
C TYR D 140 20.86 8.41 -1.53
N LEU D 141 20.55 9.47 -0.79
CA LEU D 141 20.00 9.34 0.58
C LEU D 141 18.83 8.34 0.59
N LEU D 142 18.02 8.31 -0.47
CA LEU D 142 16.78 7.50 -0.52
C LEU D 142 17.16 6.03 -0.71
N ALA D 143 18.09 5.76 -1.62
CA ALA D 143 18.65 4.43 -1.89
C ALA D 143 19.31 3.84 -0.63
N MET D 144 19.89 4.71 0.22
CA MET D 144 20.70 4.34 1.41
C MET D 144 19.81 4.08 2.63
N ILE D 145 18.73 4.84 2.80
CA ILE D 145 17.67 4.50 3.78
C ILE D 145 17.12 3.11 3.45
N ASN D 146 16.51 2.96 2.26
CA ASN D 146 15.95 1.69 1.75
C ASN D 146 17.05 0.61 1.68
N SER D 147 18.34 0.99 1.62
CA SER D 147 19.48 0.02 1.57
C SER D 147 19.33 -1.02 2.68
N LEU D 148 18.98 -0.58 3.89
CA LEU D 148 18.96 -1.48 5.08
C LEU D 148 17.66 -2.30 5.09
N ILE D 149 16.99 -2.39 3.95
CA ILE D 149 15.91 -3.37 3.66
C ILE D 149 16.20 -3.92 2.26
N ASP D 150 16.28 -3.02 1.27
CA ASP D 150 16.40 -3.31 -0.18
C ASP D 150 17.53 -2.48 -0.80
N SER D 151 18.71 -3.09 -0.86
CA SER D 151 19.94 -2.52 -1.46
C SER D 151 19.73 -2.37 -2.97
N THR D 152 18.83 -3.17 -3.57
CA THR D 152 18.44 -3.13 -5.00
C THR D 152 18.68 -1.75 -5.60
N ASN D 153 17.98 -0.75 -5.09
CA ASN D 153 18.03 0.64 -5.62
C ASN D 153 19.45 1.15 -5.59
N LEU D 154 20.19 0.92 -4.49
CA LEU D 154 21.60 1.38 -4.35
C LEU D 154 22.49 0.68 -5.39
N LYS D 155 22.16 -0.57 -5.76
CA LYS D 155 22.97 -1.40 -6.69
C LYS D 155 22.79 -0.85 -8.11
N LEU D 156 21.56 -0.78 -8.62
CA LEU D 156 21.24 -0.21 -9.96
C LEU D 156 21.48 1.30 -9.99
N LEU D 157 21.86 1.94 -8.87
CA LEU D 157 22.23 3.38 -8.82
C LEU D 157 23.74 3.52 -8.95
N ILE D 158 24.49 2.82 -8.10
CA ILE D 158 25.98 2.84 -8.15
C ILE D 158 26.42 2.25 -9.51
N LYS D 159 25.71 1.23 -10.02
CA LYS D 159 26.01 0.53 -11.31
C LYS D 159 26.05 1.55 -12.45
N ASN D 160 24.97 2.32 -12.65
CA ASN D 160 24.83 3.24 -13.83
C ASN D 160 25.57 4.56 -13.58
N ASN D 161 26.53 4.58 -12.65
CA ASN D 161 27.41 5.76 -12.42
C ASN D 161 28.83 5.28 -12.09
N LEU D 162 29.24 4.15 -12.68
CA LEU D 162 30.63 3.63 -12.60
C LEU D 162 31.46 4.28 -13.71
N THR D 163 32.70 4.67 -13.39
CA THR D 163 33.71 5.19 -14.34
C THR D 163 34.98 4.33 -14.22
N ASN D 164 35.64 4.06 -15.35
CA ASN D 164 36.87 3.23 -15.36
C ASN D 164 38.09 4.11 -15.11
N LYS D 165 37.91 5.44 -15.11
CA LYS D 165 39.03 6.38 -14.86
C LYS D 165 39.43 6.29 -13.38
N ILE D 166 40.18 5.25 -13.00
CA ILE D 166 40.52 5.02 -11.57
C ILE D 166 41.77 5.83 -11.20
N THR D 167 42.49 6.30 -12.20
CA THR D 167 43.77 7.03 -11.95
C THR D 167 43.57 8.55 -12.09
N ASP D 168 42.44 8.99 -12.65
CA ASP D 168 42.09 10.44 -12.78
C ASP D 168 42.12 11.07 -11.38
N ARG D 169 42.58 12.31 -11.28
CA ARG D 169 42.58 13.10 -10.01
C ARG D 169 41.27 13.88 -9.92
N ASN D 170 40.78 14.41 -11.05
CA ASN D 170 39.53 15.23 -11.14
C ASN D 170 38.33 14.38 -10.67
N VAL D 171 38.27 13.13 -11.11
CA VAL D 171 37.27 12.12 -10.62
C VAL D 171 37.31 12.17 -9.09
N TYR D 172 38.46 11.90 -8.49
CA TYR D 172 38.66 11.80 -7.01
C TYR D 172 38.29 13.13 -6.33
N ILE D 173 38.77 14.25 -6.84
CA ILE D 173 38.42 15.62 -6.36
C ILE D 173 36.88 15.71 -6.31
N LYS D 174 36.19 15.26 -7.36
CA LYS D 174 34.72 15.37 -7.51
C LYS D 174 33.99 14.36 -6.59
N SER D 175 34.62 13.23 -6.28
CA SER D 175 34.08 12.18 -5.36
C SER D 175 34.24 12.60 -3.89
N ILE D 176 34.91 13.73 -3.62
CA ILE D 176 35.10 14.31 -2.26
C ILE D 176 34.30 15.61 -2.12
N ILE D 177 34.02 16.30 -3.25
CA ILE D 177 33.01 17.38 -3.30
C ILE D 177 31.64 16.74 -3.04
N LYS D 178 31.21 15.82 -3.92
CA LYS D 178 29.86 15.19 -3.88
C LYS D 178 29.70 14.40 -2.57
N SER D 179 30.78 13.84 -2.02
CA SER D 179 30.76 13.00 -0.79
C SER D 179 30.47 13.86 0.46
N TYR D 180 30.95 15.10 0.49
CA TYR D 180 30.78 16.00 1.66
C TYR D 180 29.35 16.54 1.62
N GLU D 181 28.94 17.07 0.46
CA GLU D 181 27.56 17.53 0.13
C GLU D 181 26.54 16.53 0.71
N TYR D 182 26.73 15.24 0.48
CA TYR D 182 25.75 14.22 0.94
C TYR D 182 25.58 14.34 2.45
N GLU D 183 26.68 14.22 3.18
CA GLU D 183 26.61 14.27 4.66
C GLU D 183 26.33 15.70 5.13
N GLY D 184 26.29 16.66 4.20
CA GLY D 184 25.73 18.01 4.43
C GLY D 184 26.76 19.10 4.21
N PHE D 185 28.04 18.80 4.47
CA PHE D 185 29.14 19.80 4.50
C PHE D 185 29.50 20.18 3.06
N LYS D 186 29.21 21.42 2.64
CA LYS D 186 29.46 21.94 1.25
C LYS D 186 30.75 22.78 1.25
N ILE D 187 31.80 22.33 0.53
CA ILE D 187 33.11 23.02 0.33
C ILE D 187 33.47 22.97 -1.16
N ASN D 188 34.16 23.99 -1.70
CA ASN D 188 34.65 23.98 -3.11
C ASN D 188 36.18 24.04 -3.14
N ILE D 189 36.78 24.93 -2.34
CA ILE D 189 38.26 25.15 -2.18
C ILE D 189 38.67 25.50 -3.63
N LYS D 190 39.53 24.69 -4.29
CA LYS D 190 40.08 24.96 -5.65
C LYS D 190 39.56 24.04 -6.76
O1 MES E . -0.22 13.14 -4.19
C2 MES E . 0.50 14.35 -4.33
C3 MES E . 1.66 14.47 -3.37
N4 MES E . 1.19 14.32 -1.96
C5 MES E . 0.33 13.10 -1.82
C6 MES E . 0.24 12.33 -3.12
C7 MES E . 2.36 14.35 -1.01
C8 MES E . 2.03 13.92 0.41
S MES E . 1.80 15.27 1.54
O1S MES E . 0.72 14.89 2.39
O2S MES E . 3.06 15.40 2.25
O3S MES E . 1.50 16.42 0.74
C1 PEG F . -11.50 1.24 -25.70
O1 PEG F . -12.50 1.82 -26.52
C2 PEG F . -10.13 1.64 -26.12
O2 PEG F . -9.55 2.51 -25.15
C3 PEG F . -9.10 3.75 -25.67
C4 PEG F . -8.49 3.55 -27.04
O4 PEG F . -7.14 3.96 -27.11
C1 PEG G . -24.85 -16.57 -25.22
O1 PEG G . -23.94 -17.26 -24.35
C2 PEG G . -25.02 -15.10 -24.87
O2 PEG G . -25.04 -14.29 -26.05
C3 PEG G . -23.79 -14.25 -26.74
C4 PEG G . -24.01 -13.93 -28.19
O4 PEG G . -25.29 -14.34 -28.63
C1 PEG H . -11.25 -16.70 4.34
O1 PEG H . -12.43 -17.41 4.00
C2 PEG H . -10.07 -17.02 3.45
O2 PEG H . -10.41 -16.86 2.07
C3 PEG H . -9.38 -16.33 1.24
C4 PEG H . -9.98 -15.38 0.22
O4 PEG H . -9.52 -14.04 0.35
C1 PEG I . -2.05 5.90 4.74
O1 PEG I . -0.76 6.46 5.02
C2 PEG I . -2.75 5.39 5.98
O2 PEG I . -4.13 5.17 5.71
C3 PEG I . -4.51 3.79 5.68
C4 PEG I . -4.43 3.16 7.05
O4 PEG I . -5.26 2.01 7.18
#